data_3BH3
#
_entry.id   3BH3
#
_cell.length_a   105.661
_cell.length_b   105.661
_cell.length_c   252.854
_cell.angle_alpha   90.00
_cell.angle_beta   90.00
_cell.angle_gamma   120.00
#
_symmetry.space_group_name_H-M   'H 3'
#
loop_
_entity.id
_entity.type
_entity.pdbx_description
1 polymer 'Acetoacetate decarboxylase'
2 non-polymer pentan-2-one
3 water water
#
_entity_poly.entity_id   1
_entity_poly.type   'polypeptide(L)'
_entity_poly.pdbx_seq_one_letter_code
;MKQQEVRQRAFAMPLTSPAFPPGPYRFVNREYMIITYRTDPAAIEAVLPEPLQMAEPVVRYEFIRMPDSTGFGDYSESGQ
VIPVTFRGERGSYTLAMFLDDQPPLAGGRELWGFPKKAGKPRLEVHQDTLVGSLDFGPVRIATGTMGYKYEALDRSALLA
SLAEPNFLLKIIPHVDGSPRICELVRYHTTDVAIKGAWSAPGSLELHPHALAPVAALPVLEVLSARHFVCDLTLDLGTVV
FDYLRQ
;
_entity_poly.pdbx_strand_id   A,B,C,D
#
loop_
_chem_comp.id
_chem_comp.type
_chem_comp.name
_chem_comp.formula
PNH non-polymer pentan-2-one 'C5 H10 O'
#
# COMPACT_ATOMS: atom_id res chain seq x y z
N MET A 1 -5.54 4.38 -46.65
CA MET A 1 -4.59 3.22 -46.63
C MET A 1 -5.33 1.89 -46.73
N LYS A 2 -4.95 1.12 -47.75
CA LYS A 2 -5.68 -0.10 -48.18
C LYS A 2 -5.67 -1.17 -47.09
N GLN A 3 -6.62 -2.11 -47.17
CA GLN A 3 -6.68 -3.25 -46.24
C GLN A 3 -5.35 -4.01 -46.09
N GLN A 4 -4.63 -4.16 -47.20
CA GLN A 4 -3.32 -4.84 -47.19
C GLN A 4 -2.22 -4.12 -46.45
N GLU A 5 -2.17 -2.80 -46.60
CA GLU A 5 -1.23 -1.96 -45.86
C GLU A 5 -1.53 -2.04 -44.36
N VAL A 6 -2.81 -2.13 -44.01
CA VAL A 6 -3.18 -2.23 -42.60
C VAL A 6 -2.54 -3.45 -41.97
N ARG A 7 -2.67 -4.61 -42.59
CA ARG A 7 -2.06 -5.85 -42.07
C ARG A 7 -0.54 -5.85 -42.05
N GLN A 8 0.05 -5.15 -43.02
CA GLN A 8 1.49 -5.10 -43.18
C GLN A 8 2.12 -4.19 -42.14
N ARG A 9 1.37 -3.15 -41.76
CA ARG A 9 1.86 -2.18 -40.81
C ARG A 9 1.49 -2.54 -39.37
N ALA A 10 0.46 -3.37 -39.20
CA ALA A 10 -0.09 -3.68 -37.88
C ALA A 10 0.94 -4.33 -36.97
N PHE A 11 1.19 -3.69 -35.84
CA PHE A 11 2.07 -4.23 -34.85
C PHE A 11 1.44 -4.06 -33.48
N ALA A 12 1.25 -2.81 -33.06
CA ALA A 12 0.57 -2.52 -31.79
C ALA A 12 -0.35 -1.31 -31.96
N MET A 13 -1.34 -1.17 -31.10
CA MET A 13 -2.25 -0.01 -31.15
C MET A 13 -1.60 1.24 -30.53
N PRO A 14 -1.89 2.45 -31.05
CA PRO A 14 -2.59 2.84 -32.30
C PRO A 14 -1.74 2.48 -33.50
N LEU A 15 -2.37 1.87 -34.51
CA LEU A 15 -1.72 1.52 -35.77
C LEU A 15 -0.63 2.50 -36.27
N THR A 16 -0.96 3.78 -36.36
CA THR A 16 -0.05 4.77 -36.95
C THR A 16 0.97 5.38 -35.98
N SER A 17 0.91 4.98 -34.71
CA SER A 17 1.78 5.56 -33.66
C SER A 17 1.82 4.59 -32.47
N PRO A 18 2.36 3.37 -32.67
CA PRO A 18 2.19 2.28 -31.68
C PRO A 18 2.63 2.64 -30.27
N ALA A 19 1.94 2.09 -29.27
CA ALA A 19 2.24 2.41 -27.88
C ALA A 19 3.64 1.93 -27.42
N PHE A 20 4.24 1.04 -28.20
CA PHE A 20 5.61 0.58 -27.98
C PHE A 20 6.14 0.11 -29.33
N PRO A 21 7.46 0.15 -29.54
CA PRO A 21 8.04 -0.25 -30.82
C PRO A 21 8.53 -1.72 -30.83
N PRO A 22 8.84 -2.27 -32.03
CA PRO A 22 9.49 -3.58 -32.17
C PRO A 22 10.89 -3.57 -31.53
N GLY A 23 11.47 -4.72 -31.25
CA GLY A 23 12.84 -4.76 -30.75
C GLY A 23 13.98 -4.60 -31.78
N PRO A 24 15.17 -5.12 -31.44
CA PRO A 24 15.44 -5.86 -30.20
C PRO A 24 15.36 -4.99 -28.96
N TYR A 25 14.87 -5.56 -27.86
CA TYR A 25 14.89 -4.86 -26.59
C TYR A 25 16.21 -5.05 -25.83
N ARG A 26 17.07 -4.04 -25.94
CA ARG A 26 18.35 -4.07 -25.27
C ARG A 26 18.29 -3.27 -23.96
N PHE A 27 18.94 -3.82 -22.93
CA PHE A 27 19.02 -3.24 -21.59
C PHE A 27 20.48 -3.02 -21.18
N VAL A 28 20.80 -1.80 -20.79
CA VAL A 28 22.16 -1.47 -20.30
C VAL A 28 22.06 -1.08 -18.84
N ASN A 29 22.97 -1.65 -18.03
CA ASN A 29 23.01 -1.41 -16.58
C ASN A 29 21.72 -1.70 -15.85
N ARG A 30 21.06 -2.81 -16.20
CA ARG A 30 19.97 -3.35 -15.41
C ARG A 30 20.52 -3.63 -14.00
N GLU A 31 19.89 -3.11 -12.95
CA GLU A 31 20.32 -3.42 -11.60
C GLU A 31 19.24 -4.14 -10.80
N TYR A 32 19.60 -5.29 -10.24
CA TYR A 32 18.70 -6.20 -9.54
C TYR A 32 19.05 -6.28 -8.05
N MET A 33 18.01 -6.29 -7.22
CA MET A 33 18.09 -6.82 -5.88
C MET A 33 17.09 -7.96 -5.83
N ILE A 34 17.55 -9.19 -5.59
CA ILE A 34 16.62 -10.31 -5.49
C ILE A 34 16.72 -10.90 -4.10
N ILE A 35 15.60 -10.93 -3.37
CA ILE A 35 15.51 -11.62 -2.09
C ILE A 35 14.74 -12.92 -2.31
N THR A 36 15.34 -14.03 -1.92
CA THR A 36 14.69 -15.34 -2.04
C THR A 36 14.25 -15.81 -0.66
N TYR A 37 12.97 -16.09 -0.53
CA TYR A 37 12.40 -16.55 0.74
C TYR A 37 11.63 -17.86 0.56
N ARG A 38 11.51 -18.60 1.66
CA ARG A 38 10.70 -19.79 1.75
C ARG A 38 9.29 -19.34 2.08
N THR A 39 8.33 -19.98 1.41
CA THR A 39 6.93 -19.67 1.62
C THR A 39 6.13 -20.95 1.89
N ASP A 40 4.82 -20.81 2.09
CA ASP A 40 3.96 -21.97 2.24
C ASP A 40 3.80 -22.65 0.88
N PRO A 41 4.11 -23.95 0.81
CA PRO A 41 3.96 -24.69 -0.47
C PRO A 41 2.54 -24.67 -1.01
N ALA A 42 1.56 -24.73 -0.11
CA ALA A 42 0.15 -24.66 -0.49
C ALA A 42 -0.23 -23.30 -1.11
N ALA A 43 0.52 -22.26 -0.75
CA ALA A 43 0.29 -20.91 -1.25
C ALA A 43 0.77 -20.74 -2.70
N ILE A 44 1.85 -21.44 -3.06
CA ILE A 44 2.31 -21.59 -4.46
C ILE A 44 1.41 -22.47 -5.28
N GLU A 45 0.98 -23.61 -4.72
CA GLU A 45 0.11 -24.54 -5.44
C GLU A 45 -1.24 -23.88 -5.79
N ALA A 46 -1.67 -22.92 -4.98
CA ALA A 46 -2.89 -22.18 -5.28
C ALA A 46 -2.82 -21.34 -6.57
N VAL A 47 -1.61 -20.93 -6.96
CA VAL A 47 -1.41 -19.96 -8.07
C VAL A 47 -0.58 -20.46 -9.29
N LEU A 48 0.03 -21.63 -9.20
CA LEU A 48 0.81 -22.18 -10.29
C LEU A 48 -0.06 -22.97 -11.30
N PRO A 49 -0.17 -22.49 -12.56
CA PRO A 49 -1.01 -23.17 -13.53
C PRO A 49 -0.34 -24.42 -14.14
N GLU A 50 -1.05 -25.55 -14.18
CA GLU A 50 -0.54 -26.72 -14.87
C GLU A 50 -0.54 -26.30 -16.34
N PRO A 51 0.33 -26.91 -17.21
CA PRO A 51 1.30 -27.96 -16.93
C PRO A 51 2.58 -27.60 -16.19
N LEU A 52 2.70 -26.35 -15.69
CA LEU A 52 3.88 -26.01 -14.91
C LEU A 52 3.91 -26.81 -13.61
N GLN A 53 5.12 -27.16 -13.18
N GLN A 53 5.11 -27.16 -13.18
CA GLN A 53 5.33 -27.95 -11.97
CA GLN A 53 5.27 -27.91 -11.94
C GLN A 53 6.16 -27.19 -10.94
C GLN A 53 6.17 -27.23 -10.94
N MET A 54 5.71 -27.23 -9.70
CA MET A 54 6.43 -26.65 -8.58
C MET A 54 7.81 -27.29 -8.37
N ALA A 55 8.78 -26.45 -7.95
CA ALA A 55 10.10 -26.89 -7.50
C ALA A 55 10.14 -26.66 -5.98
N GLU A 56 11.15 -25.98 -5.45
CA GLU A 56 11.18 -25.65 -4.03
C GLU A 56 10.05 -24.65 -3.65
N PRO A 57 9.56 -24.70 -2.38
CA PRO A 57 8.57 -23.72 -1.88
C PRO A 57 9.25 -22.38 -1.63
N VAL A 58 9.73 -21.78 -2.70
CA VAL A 58 10.61 -20.63 -2.64
C VAL A 58 10.07 -19.55 -3.63
N VAL A 59 10.26 -18.28 -3.24
CA VAL A 59 9.83 -17.16 -4.06
C VAL A 59 11.06 -16.26 -4.19
N ARG A 60 11.33 -15.79 -5.40
N ARG A 60 11.34 -15.85 -5.41
CA ARG A 60 12.39 -14.81 -5.63
CA ARG A 60 12.32 -14.80 -5.68
C ARG A 60 11.81 -13.40 -5.83
C ARG A 60 11.56 -13.48 -5.71
N TYR A 61 11.87 -12.59 -4.77
CA TYR A 61 11.26 -11.27 -4.81
C TYR A 61 12.27 -10.27 -5.30
N GLU A 62 11.92 -9.55 -6.36
CA GLU A 62 12.89 -8.73 -7.07
C GLU A 62 12.52 -7.26 -7.13
N PHE A 63 13.56 -6.44 -7.08
CA PHE A 63 13.50 -5.03 -7.38
C PHE A 63 14.51 -4.78 -8.47
N ILE A 64 14.05 -4.21 -9.59
CA ILE A 64 14.93 -3.97 -10.75
C ILE A 64 14.89 -2.53 -11.26
N ARG A 65 16.06 -1.91 -11.40
N ARG A 65 16.07 -1.93 -11.41
CA ARG A 65 16.17 -0.60 -12.08
CA ARG A 65 16.22 -0.66 -12.12
C ARG A 65 16.63 -0.83 -13.54
C ARG A 65 16.59 -0.92 -13.58
N MET A 66 15.88 -0.27 -14.49
CA MET A 66 16.20 -0.31 -15.93
C MET A 66 16.37 1.11 -16.48
N PRO A 67 17.50 1.77 -16.17
CA PRO A 67 17.72 3.17 -16.60
C PRO A 67 17.90 3.43 -18.13
N ASP A 68 18.10 2.39 -18.92
CA ASP A 68 18.47 2.50 -20.34
C ASP A 68 17.94 1.26 -21.10
N SER A 69 16.76 1.43 -21.70
CA SER A 69 15.99 0.35 -22.30
C SER A 69 15.45 0.81 -23.64
N THR A 70 15.97 0.24 -24.72
CA THR A 70 15.62 0.64 -26.08
C THR A 70 14.12 0.47 -26.29
N GLY A 71 13.47 1.48 -26.85
CA GLY A 71 12.04 1.44 -27.09
C GLY A 71 11.17 1.84 -25.92
N PHE A 72 11.72 1.74 -24.70
CA PHE A 72 10.90 1.86 -23.46
C PHE A 72 11.27 3.08 -22.63
N GLY A 73 12.57 3.34 -22.52
CA GLY A 73 13.03 4.48 -21.76
C GLY A 73 13.78 4.08 -20.52
N ASP A 74 13.44 4.76 -19.43
CA ASP A 74 14.09 4.64 -18.13
C ASP A 74 13.06 4.39 -17.02
N TYR A 75 13.06 3.16 -16.46
CA TYR A 75 12.02 2.76 -15.48
C TYR A 75 12.51 1.76 -14.43
N SER A 76 11.58 1.36 -13.55
CA SER A 76 11.88 0.46 -12.46
C SER A 76 10.76 -0.57 -12.37
N GLU A 77 11.08 -1.73 -11.78
CA GLU A 77 10.19 -2.89 -11.76
C GLU A 77 10.30 -3.52 -10.37
N SER A 78 9.21 -4.11 -9.91
CA SER A 78 9.24 -4.98 -8.75
C SER A 78 8.35 -6.17 -9.11
N GLY A 79 8.76 -7.37 -8.69
CA GLY A 79 8.11 -8.59 -9.18
C GLY A 79 8.27 -9.83 -8.30
N GLN A 80 7.41 -10.81 -8.52
CA GLN A 80 7.39 -12.01 -7.70
C GLN A 80 7.55 -13.22 -8.63
N VAL A 81 8.61 -13.99 -8.42
CA VAL A 81 8.95 -15.09 -9.35
C VAL A 81 9.09 -16.44 -8.62
N ILE A 82 8.55 -17.51 -9.20
CA ILE A 82 8.53 -18.85 -8.57
C ILE A 82 9.41 -19.81 -9.42
N PRO A 83 10.40 -20.51 -8.80
CA PRO A 83 11.05 -21.63 -9.51
C PRO A 83 10.04 -22.68 -9.93
N VAL A 84 10.13 -23.13 -11.18
CA VAL A 84 9.26 -24.20 -11.68
C VAL A 84 10.04 -25.23 -12.52
N THR A 85 9.45 -26.41 -12.73
CA THR A 85 9.90 -27.31 -13.78
C THR A 85 8.83 -27.43 -14.84
N PHE A 86 9.28 -27.63 -16.08
CA PHE A 86 8.40 -27.87 -17.21
C PHE A 86 9.16 -28.74 -18.21
N ARG A 87 8.64 -29.94 -18.47
CA ARG A 87 9.24 -30.90 -19.40
C ARG A 87 10.71 -31.23 -19.06
N GLY A 88 10.99 -31.38 -17.77
CA GLY A 88 12.33 -31.74 -17.29
C GLY A 88 13.31 -30.59 -17.25
N GLU A 89 12.80 -29.39 -17.57
CA GLU A 89 13.61 -28.18 -17.56
C GLU A 89 13.23 -27.24 -16.41
N ARG A 90 14.25 -26.85 -15.65
CA ARG A 90 14.13 -25.91 -14.55
C ARG A 90 13.98 -24.49 -15.14
N GLY A 91 13.01 -23.75 -14.62
CA GLY A 91 12.79 -22.37 -15.09
C GLY A 91 12.13 -21.51 -14.04
N SER A 92 11.52 -20.43 -14.46
CA SER A 92 10.82 -19.53 -13.53
C SER A 92 9.39 -19.27 -14.02
N TYR A 93 8.47 -18.95 -13.10
CA TYR A 93 7.17 -18.45 -13.47
C TYR A 93 7.00 -17.06 -12.86
N THR A 94 6.65 -16.08 -13.69
CA THR A 94 6.35 -14.72 -13.21
C THR A 94 4.89 -14.57 -12.79
N LEU A 95 4.68 -14.40 -11.49
CA LEU A 95 3.34 -14.32 -10.94
C LEU A 95 2.76 -12.91 -10.99
N ALA A 96 3.59 -11.92 -10.67
CA ALA A 96 3.18 -10.51 -10.57
C ALA A 96 4.37 -9.61 -10.78
N MET A 97 4.12 -8.45 -11.41
CA MET A 97 5.13 -7.46 -11.76
C MET A 97 4.48 -6.11 -11.74
N PHE A 98 5.26 -5.08 -11.35
CA PHE A 98 4.76 -3.71 -11.22
C PHE A 98 5.80 -2.77 -11.77
N LEU A 99 5.35 -1.81 -12.59
CA LEU A 99 6.22 -0.96 -13.42
C LEU A 99 5.76 0.48 -13.31
N ASP A 100 6.68 1.44 -13.51
CA ASP A 100 6.32 2.88 -13.51
C ASP A 100 6.44 3.62 -14.90
N ASP A 101 6.22 2.90 -16.00
CA ASP A 101 6.45 3.42 -17.37
C ASP A 101 5.50 2.60 -18.28
N GLN A 102 4.75 3.30 -19.13
CA GLN A 102 3.65 2.68 -19.86
C GLN A 102 4.07 1.81 -21.03
N PRO A 103 4.92 2.33 -21.95
CA PRO A 103 5.33 1.47 -23.08
C PRO A 103 5.85 0.07 -22.70
N PRO A 104 6.72 -0.04 -21.65
CA PRO A 104 7.09 -1.43 -21.26
C PRO A 104 5.96 -2.19 -20.54
N LEU A 105 4.98 -1.46 -19.99
CA LEU A 105 3.81 -2.08 -19.36
C LEU A 105 2.90 -2.65 -20.44
N ALA A 106 2.47 -1.84 -21.42
CA ALA A 106 1.62 -2.33 -22.51
C ALA A 106 2.40 -3.37 -23.30
N GLY A 107 3.66 -3.05 -23.52
CA GLY A 107 4.54 -3.85 -24.34
C GLY A 107 4.75 -5.22 -23.75
N GLY A 108 5.07 -5.27 -22.46
CA GLY A 108 5.24 -6.52 -21.77
C GLY A 108 4.01 -7.40 -21.77
N ARG A 109 2.84 -6.79 -21.54
CA ARG A 109 1.56 -7.57 -21.52
C ARG A 109 1.16 -8.10 -22.88
N GLU A 110 1.17 -7.22 -23.87
CA GLU A 110 0.64 -7.54 -25.16
C GLU A 110 1.56 -8.38 -26.04
N LEU A 111 2.89 -8.21 -25.86
CA LEU A 111 3.86 -8.99 -26.63
C LEU A 111 4.24 -10.33 -25.96
N TRP A 112 4.86 -10.28 -24.78
CA TRP A 112 5.26 -11.51 -24.09
C TRP A 112 4.16 -12.15 -23.24
N GLY A 113 3.31 -11.35 -22.58
CA GLY A 113 2.42 -11.90 -21.58
C GLY A 113 2.96 -11.79 -20.19
N PHE A 114 3.72 -10.73 -19.93
CA PHE A 114 4.14 -10.40 -18.58
C PHE A 114 2.91 -9.92 -17.81
N PRO A 115 2.73 -10.37 -16.60
CA PRO A 115 1.58 -10.01 -15.80
C PRO A 115 1.67 -8.62 -15.12
N LYS A 116 1.77 -7.59 -15.89
CA LYS A 116 2.20 -6.31 -15.37
C LYS A 116 1.04 -5.44 -14.93
N LYS A 117 1.22 -4.78 -13.79
CA LYS A 117 0.38 -3.69 -13.33
C LYS A 117 1.23 -2.44 -13.04
N ALA A 118 0.62 -1.31 -12.74
CA ALA A 118 1.35 -0.09 -12.42
C ALA A 118 1.64 -0.08 -10.93
N GLY A 119 2.75 0.55 -10.55
CA GLY A 119 3.18 0.70 -9.15
C GLY A 119 4.36 1.65 -9.14
N LYS A 120 4.88 1.97 -7.94
CA LYS A 120 6.09 2.77 -7.78
C LYS A 120 7.17 1.93 -7.13
N PRO A 121 8.03 1.28 -7.94
CA PRO A 121 9.19 0.60 -7.40
C PRO A 121 10.39 1.55 -7.28
N ARG A 122 11.15 1.40 -6.22
CA ARG A 122 12.40 2.12 -6.11
C ARG A 122 13.52 1.17 -5.69
N LEU A 123 14.72 1.46 -6.15
CA LEU A 123 15.88 0.75 -5.66
C LEU A 123 17.02 1.76 -5.56
N GLU A 124 17.40 2.11 -4.32
CA GLU A 124 18.48 3.07 -4.05
C GLU A 124 19.36 2.66 -2.87
N VAL A 125 20.62 3.09 -2.92
CA VAL A 125 21.54 3.00 -1.81
C VAL A 125 21.33 4.17 -0.84
N HIS A 126 21.12 3.84 0.43
CA HIS A 126 21.05 4.88 1.46
C HIS A 126 22.20 4.63 2.43
N GLN A 127 23.34 5.24 2.10
CA GLN A 127 24.58 5.15 2.86
C GLN A 127 25.11 3.73 2.80
N ASP A 128 24.72 2.90 3.77
CA ASP A 128 25.28 1.56 3.92
C ASP A 128 24.33 0.47 3.47
N THR A 129 23.07 0.84 3.20
CA THR A 129 22.03 -0.15 2.85
C THR A 129 21.48 0.03 1.43
N LEU A 130 21.34 -1.07 0.70
CA LEU A 130 20.53 -1.11 -0.54
C LEU A 130 19.06 -1.37 -0.18
N VAL A 131 18.18 -0.43 -0.56
CA VAL A 131 16.76 -0.44 -0.14
C VAL A 131 15.84 -0.55 -1.35
N GLY A 132 15.01 -1.59 -1.33
CA GLY A 132 14.03 -1.80 -2.38
C GLY A 132 12.66 -1.55 -1.81
N SER A 133 11.83 -0.80 -2.52
CA SER A 133 10.45 -0.58 -2.09
C SER A 133 9.50 -0.64 -3.27
N LEU A 134 8.25 -1.00 -2.98
CA LEU A 134 7.17 -0.93 -3.93
C LEU A 134 5.96 -0.31 -3.24
N ASP A 135 5.42 0.74 -3.86
CA ASP A 135 4.18 1.36 -3.42
C ASP A 135 3.15 1.09 -4.48
N PHE A 136 1.93 0.79 -4.04
CA PHE A 136 0.78 0.70 -4.93
C PHE A 136 -0.18 1.80 -4.48
N GLY A 137 -0.26 2.87 -5.27
CA GLY A 137 -0.85 4.12 -4.80
C GLY A 137 -0.21 4.61 -3.48
N PRO A 138 -1.03 5.06 -2.51
CA PRO A 138 -0.45 5.51 -1.25
C PRO A 138 0.01 4.39 -0.32
N VAL A 139 -0.05 3.13 -0.76
CA VAL A 139 0.19 2.00 0.15
C VAL A 139 1.50 1.21 -0.09
N ARG A 140 2.39 1.17 0.91
CA ARG A 140 3.63 0.36 0.82
C ARG A 140 3.25 -1.12 0.85
N ILE A 141 3.62 -1.87 -0.20
CA ILE A 141 3.31 -3.32 -0.24
C ILE A 141 4.57 -4.20 -0.16
N ALA A 142 5.75 -3.65 -0.41
CA ALA A 142 7.02 -4.41 -0.25
C ALA A 142 8.21 -3.55 0.14
N THR A 143 8.98 -4.01 1.14
CA THR A 143 10.24 -3.37 1.51
C THR A 143 11.32 -4.41 1.72
N GLY A 144 12.42 -4.25 0.97
CA GLY A 144 13.55 -5.17 1.01
C GLY A 144 14.81 -4.40 1.29
N THR A 145 15.75 -5.04 1.97
CA THR A 145 17.04 -4.40 2.26
C THR A 145 18.16 -5.45 2.08
N MET A 146 19.35 -4.96 1.76
CA MET A 146 20.56 -5.77 1.68
C MET A 146 21.72 -4.93 2.20
N GLY A 147 22.74 -5.60 2.74
CA GLY A 147 24.01 -4.91 2.90
C GLY A 147 24.59 -4.53 1.53
N TYR A 148 25.55 -3.64 1.54
CA TYR A 148 26.14 -3.23 0.28
C TYR A 148 27.38 -4.05 -0.04
N LYS A 149 27.24 -4.97 -1.02
CA LYS A 149 28.38 -5.60 -1.69
C LYS A 149 29.40 -6.29 -0.76
N TYR A 150 28.88 -7.08 0.19
CA TYR A 150 29.67 -7.82 1.18
C TYR A 150 30.65 -8.84 0.56
N GLU A 151 30.19 -9.64 -0.39
CA GLU A 151 31.05 -10.61 -1.04
C GLU A 151 30.67 -10.86 -2.47
N ALA A 152 31.67 -11.13 -3.30
CA ALA A 152 31.48 -11.40 -4.71
C ALA A 152 30.69 -12.68 -4.89
N LEU A 153 29.88 -12.72 -5.96
CA LEU A 153 29.02 -13.84 -6.25
C LEU A 153 29.63 -14.60 -7.44
N ASP A 154 29.48 -15.93 -7.42
CA ASP A 154 29.90 -16.82 -8.51
C ASP A 154 29.25 -16.43 -9.83
N ARG A 155 30.03 -15.84 -10.73
CA ARG A 155 29.51 -15.30 -11.98
C ARG A 155 29.04 -16.39 -12.90
N SER A 156 29.60 -17.59 -12.74
CA SER A 156 29.20 -18.74 -13.54
C SER A 156 27.81 -19.23 -13.11
N ALA A 157 27.55 -19.23 -11.81
CA ALA A 157 26.22 -19.57 -11.27
C ALA A 157 25.16 -18.56 -11.70
N LEU A 158 25.55 -17.29 -11.69
CA LEU A 158 24.67 -16.20 -12.08
C LEU A 158 24.26 -16.30 -13.55
N LEU A 159 25.23 -16.49 -14.45
CA LEU A 159 24.95 -16.54 -15.87
C LEU A 159 24.05 -17.73 -16.22
N ALA A 160 24.14 -18.80 -15.45
CA ALA A 160 23.39 -20.01 -15.70
C ALA A 160 21.96 -19.76 -15.25
N SER A 161 21.82 -19.02 -14.17
CA SER A 161 20.54 -18.53 -13.70
C SER A 161 19.87 -17.58 -14.72
N LEU A 162 20.62 -16.64 -15.30
CA LEU A 162 20.08 -15.78 -16.35
C LEU A 162 19.83 -16.50 -17.71
N ALA A 163 20.27 -17.75 -17.81
CA ALA A 163 20.12 -18.52 -19.05
C ALA A 163 18.92 -19.43 -19.04
N GLU A 164 18.36 -19.70 -17.87
CA GLU A 164 17.24 -20.61 -17.79
C GLU A 164 15.97 -19.99 -18.41
N PRO A 165 15.04 -20.85 -18.87
CA PRO A 165 13.81 -20.35 -19.46
C PRO A 165 12.91 -19.67 -18.42
N ASN A 166 12.16 -18.68 -18.92
CA ASN A 166 11.30 -17.85 -18.12
C ASN A 166 9.92 -18.01 -18.71
N PHE A 167 9.00 -18.53 -17.90
CA PHE A 167 7.65 -18.88 -18.39
C PHE A 167 6.60 -17.86 -17.94
N LEU A 168 5.64 -17.59 -18.81
CA LEU A 168 4.61 -16.59 -18.55
C LEU A 168 3.31 -17.14 -19.06
N LEU A 169 2.20 -16.88 -18.37
CA LEU A 169 0.92 -17.28 -18.89
C LEU A 169 0.30 -16.05 -19.55
N LYS A 170 0.29 -16.02 -20.89
CA LYS A 170 -0.25 -14.89 -21.63
C LYS A 170 -1.74 -15.11 -21.83
N ILE A 171 -2.55 -14.16 -21.38
CA ILE A 171 -3.98 -14.17 -21.60
C ILE A 171 -4.37 -12.83 -22.19
N ILE A 172 -5.18 -12.85 -23.25
CA ILE A 172 -5.76 -11.64 -23.83
C ILE A 172 -7.17 -12.01 -24.12
N PRO A 173 -8.15 -11.23 -23.62
CA PRO A 173 -9.57 -11.41 -23.94
C PRO A 173 -10.00 -11.08 -25.37
N HIS A 174 -11.01 -11.81 -25.83
CA HIS A 174 -11.68 -11.46 -27.06
C HIS A 174 -12.63 -10.34 -26.70
N VAL A 175 -13.13 -9.66 -27.71
CA VAL A 175 -14.11 -8.60 -27.50
C VAL A 175 -15.28 -9.03 -26.62
N ASP A 176 -15.61 -10.31 -26.63
CA ASP A 176 -16.80 -10.79 -25.90
C ASP A 176 -16.47 -11.19 -24.45
N GLY A 177 -15.19 -11.11 -24.08
CA GLY A 177 -14.74 -11.48 -22.74
C GLY A 177 -14.19 -12.90 -22.56
N SER A 178 -14.43 -13.77 -23.54
CA SER A 178 -13.82 -15.09 -23.55
C SER A 178 -12.34 -14.93 -23.98
N PRO A 179 -11.45 -15.86 -23.56
CA PRO A 179 -10.03 -15.73 -23.94
C PRO A 179 -9.79 -15.86 -25.45
N ARG A 180 -9.01 -14.95 -26.01
CA ARG A 180 -8.65 -15.06 -27.42
C ARG A 180 -7.24 -15.63 -27.49
N ILE A 181 -6.45 -15.38 -26.45
CA ILE A 181 -5.11 -15.90 -26.32
C ILE A 181 -5.01 -16.45 -24.90
N CYS A 182 -4.52 -17.67 -24.76
CA CYS A 182 -4.35 -18.27 -23.45
C CYS A 182 -3.31 -19.33 -23.61
N GLU A 183 -2.08 -18.96 -23.28
CA GLU A 183 -0.93 -19.78 -23.64
C GLU A 183 0.26 -19.54 -22.75
N LEU A 184 1.02 -20.62 -22.56
CA LEU A 184 2.28 -20.57 -21.88
C LEU A 184 3.36 -20.14 -22.83
N VAL A 185 4.14 -19.16 -22.41
CA VAL A 185 5.13 -18.50 -23.25
C VAL A 185 6.48 -18.67 -22.60
N ARG A 186 7.47 -19.03 -23.40
CA ARG A 186 8.81 -19.22 -22.91
C ARG A 186 9.68 -18.09 -23.48
N TYR A 187 10.44 -17.39 -22.63
CA TYR A 187 11.41 -16.37 -23.13
C TYR A 187 12.75 -16.46 -22.42
N HIS A 188 13.77 -15.91 -23.07
CA HIS A 188 15.07 -15.83 -22.49
C HIS A 188 15.65 -14.42 -22.55
N THR A 189 16.54 -14.15 -21.61
CA THR A 189 17.43 -13.03 -21.72
C THR A 189 18.76 -13.58 -22.20
N THR A 190 19.24 -13.03 -23.32
CA THR A 190 20.48 -13.48 -23.93
C THR A 190 21.44 -12.29 -24.04
N ASP A 191 22.56 -12.45 -24.77
CA ASP A 191 23.67 -11.45 -24.80
C ASP A 191 24.02 -10.86 -23.44
N VAL A 192 24.04 -11.67 -22.39
CA VAL A 192 24.28 -11.19 -21.03
C VAL A 192 25.74 -10.82 -20.69
N ALA A 193 25.97 -9.60 -20.19
CA ALA A 193 27.27 -9.27 -19.65
C ALA A 193 27.15 -8.80 -18.20
N ILE A 194 27.72 -9.56 -17.28
CA ILE A 194 27.71 -9.17 -15.87
C ILE A 194 28.73 -8.07 -15.64
N LYS A 195 28.27 -6.92 -15.14
CA LYS A 195 29.20 -5.85 -14.79
C LYS A 195 29.63 -5.97 -13.34
N GLY A 196 28.85 -6.67 -12.52
CA GLY A 196 29.16 -6.90 -11.11
C GLY A 196 28.07 -7.72 -10.44
N ALA A 197 28.40 -8.47 -9.38
CA ALA A 197 27.45 -9.35 -8.69
C ALA A 197 27.93 -9.70 -7.29
N TRP A 198 27.05 -9.52 -6.30
CA TRP A 198 27.40 -9.62 -4.89
C TRP A 198 26.28 -10.25 -4.12
N SER A 199 26.63 -10.79 -2.95
CA SER A 199 25.64 -11.18 -1.97
C SER A 199 25.95 -10.41 -0.68
N ALA A 200 25.03 -10.45 0.26
CA ALA A 200 25.10 -9.70 1.50
C ALA A 200 23.87 -10.17 2.25
N PRO A 201 23.79 -9.91 3.57
CA PRO A 201 22.55 -10.20 4.28
C PRO A 201 21.36 -9.41 3.69
N GLY A 202 20.15 -9.96 3.83
CA GLY A 202 18.97 -9.35 3.29
C GLY A 202 17.74 -9.49 4.15
N SER A 203 16.72 -8.69 3.84
CA SER A 203 15.43 -8.72 4.52
C SER A 203 14.33 -8.37 3.52
N LEU A 204 13.13 -8.86 3.80
CA LEU A 204 11.90 -8.52 3.09
C LEU A 204 10.73 -8.40 4.05
N GLU A 205 9.89 -7.39 3.86
CA GLU A 205 8.56 -7.35 4.47
C GLU A 205 7.48 -7.01 3.40
N LEU A 206 6.37 -7.75 3.40
CA LEU A 206 5.28 -7.56 2.45
C LEU A 206 3.98 -7.20 3.14
N HIS A 207 3.16 -6.38 2.50
CA HIS A 207 1.91 -5.93 3.12
C HIS A 207 0.73 -6.26 2.22
N PRO A 208 -0.45 -6.57 2.83
CA PRO A 208 -1.53 -6.96 1.94
C PRO A 208 -2.05 -5.78 1.15
N HIS A 209 -2.57 -6.09 -0.03
CA HIS A 209 -3.29 -5.12 -0.83
C HIS A 209 -4.25 -5.92 -1.71
N ALA A 210 -5.45 -5.38 -1.90
CA ALA A 210 -6.56 -6.06 -2.59
C ALA A 210 -6.24 -6.32 -4.06
N LEU A 211 -5.46 -5.41 -4.67
CA LEU A 211 -5.16 -5.39 -6.11
C LEU A 211 -3.70 -5.72 -6.46
N ALA A 212 -2.87 -5.90 -5.45
CA ALA A 212 -1.46 -6.25 -5.61
C ALA A 212 -1.12 -7.28 -4.53
N PRO A 213 -1.73 -8.48 -4.62
CA PRO A 213 -1.67 -9.41 -3.51
C PRO A 213 -0.36 -10.19 -3.41
N VAL A 214 0.76 -9.48 -3.46
CA VAL A 214 2.08 -10.13 -3.29
C VAL A 214 2.22 -10.80 -1.93
N ALA A 215 1.48 -10.29 -0.94
CA ALA A 215 1.55 -10.77 0.46
C ALA A 215 0.91 -12.14 0.67
N ALA A 216 0.13 -12.57 -0.33
CA ALA A 216 -0.44 -13.93 -0.40
C ALA A 216 0.60 -15.06 -0.55
N LEU A 217 1.86 -14.71 -0.79
CA LEU A 217 2.98 -15.68 -0.65
C LEU A 217 3.85 -15.25 0.55
N PRO A 218 3.51 -15.71 1.76
CA PRO A 218 4.12 -15.11 2.96
C PRO A 218 5.60 -15.37 3.09
N VAL A 219 6.30 -14.43 3.70
CA VAL A 219 7.74 -14.54 3.92
C VAL A 219 7.92 -15.33 5.22
N LEU A 220 7.99 -16.65 5.13
CA LEU A 220 8.22 -17.46 6.30
C LEU A 220 9.69 -17.36 6.76
N GLU A 221 10.62 -17.38 5.81
CA GLU A 221 12.06 -17.28 6.14
C GLU A 221 12.87 -16.71 4.96
N VAL A 222 13.61 -15.61 5.18
CA VAL A 222 14.55 -15.13 4.16
C VAL A 222 15.78 -16.05 4.03
N LEU A 223 15.99 -16.54 2.81
CA LEU A 223 17.03 -17.52 2.52
C LEU A 223 18.32 -16.90 1.98
N SER A 224 18.20 -16.02 1.00
CA SER A 224 19.36 -15.36 0.43
C SER A 224 19.00 -14.00 -0.17
N ALA A 225 20.03 -13.27 -0.56
CA ALA A 225 19.88 -11.99 -1.21
C ALA A 225 21.04 -11.81 -2.17
N ARG A 226 20.73 -11.35 -3.37
CA ARG A 226 21.76 -11.04 -4.33
C ARG A 226 21.46 -9.75 -5.08
N HIS A 227 22.55 -9.12 -5.47
CA HIS A 227 22.55 -7.81 -6.05
C HIS A 227 23.51 -7.87 -7.23
N PHE A 228 23.05 -7.55 -8.43
CA PHE A 228 23.96 -7.55 -9.57
C PHE A 228 23.61 -6.48 -10.59
N VAL A 229 24.54 -6.19 -11.50
CA VAL A 229 24.33 -5.21 -12.57
C VAL A 229 24.73 -5.89 -13.88
N CYS A 230 23.95 -5.72 -14.94
CA CYS A 230 24.25 -6.40 -16.20
C CYS A 230 23.68 -5.66 -17.40
N ASP A 231 24.21 -5.99 -18.58
CA ASP A 231 23.54 -5.67 -19.84
C ASP A 231 22.85 -6.96 -20.26
N LEU A 232 21.70 -6.85 -20.90
CA LEU A 232 21.12 -8.02 -21.57
C LEU A 232 20.17 -7.64 -22.69
N THR A 233 19.73 -8.66 -23.44
CA THR A 233 18.67 -8.50 -24.41
C THR A 233 17.49 -9.39 -24.01
N LEU A 234 16.30 -8.80 -23.90
CA LEU A 234 15.06 -9.55 -23.69
C LEU A 234 14.59 -10.07 -25.04
N ASP A 235 14.81 -11.35 -25.33
CA ASP A 235 14.38 -11.92 -26.63
C ASP A 235 12.86 -12.12 -26.66
N LEU A 236 12.29 -12.08 -27.86
CA LEU A 236 10.91 -12.49 -28.10
C LEU A 236 10.65 -13.92 -27.60
N GLY A 237 9.48 -14.13 -26.99
CA GLY A 237 9.18 -15.46 -26.47
C GLY A 237 8.63 -16.43 -27.50
N THR A 238 8.44 -17.68 -27.09
CA THR A 238 7.82 -18.65 -27.97
C THR A 238 6.67 -19.35 -27.23
N VAL A 239 5.60 -19.71 -27.92
CA VAL A 239 4.54 -20.48 -27.28
C VAL A 239 5.04 -21.93 -26.96
N VAL A 240 4.85 -22.39 -25.72
CA VAL A 240 5.22 -23.77 -25.37
C VAL A 240 4.02 -24.61 -24.93
N PHE A 241 2.88 -23.98 -24.80
CA PHE A 241 1.66 -24.68 -24.47
C PHE A 241 0.51 -23.73 -24.72
N ASP A 242 -0.29 -24.07 -25.73
CA ASP A 242 -1.50 -23.34 -26.04
C ASP A 242 -2.75 -23.97 -25.40
N TYR A 243 -3.38 -23.25 -24.48
CA TYR A 243 -4.55 -23.81 -23.78
C TYR A 243 -5.81 -23.91 -24.67
N LEU A 244 -5.80 -23.23 -25.83
CA LEU A 244 -6.94 -23.08 -26.74
C LEU A 244 -6.90 -24.02 -27.96
N MET B 1 -5.74 -25.34 -9.49
CA MET B 1 -5.09 -24.66 -10.66
C MET B 1 -4.85 -25.52 -11.93
N LYS B 2 -5.77 -26.45 -12.20
CA LYS B 2 -5.61 -27.36 -13.35
C LYS B 2 -5.80 -26.71 -14.71
N GLN B 3 -5.28 -27.40 -15.73
CA GLN B 3 -5.34 -27.01 -17.14
C GLN B 3 -6.68 -26.53 -17.64
N GLN B 4 -7.71 -27.32 -17.37
CA GLN B 4 -9.04 -26.96 -17.86
C GLN B 4 -9.69 -25.84 -17.04
N GLU B 5 -9.25 -25.67 -15.79
CA GLU B 5 -9.63 -24.47 -15.02
C GLU B 5 -9.01 -23.23 -15.63
N VAL B 6 -7.74 -23.34 -16.05
CA VAL B 6 -7.05 -22.21 -16.63
C VAL B 6 -7.86 -21.61 -17.78
N ARG B 7 -8.37 -22.42 -18.69
CA ARG B 7 -9.18 -21.84 -19.79
C ARG B 7 -10.64 -21.45 -19.41
N GLN B 8 -11.09 -21.85 -18.22
CA GLN B 8 -12.39 -21.38 -17.70
C GLN B 8 -12.24 -20.10 -16.87
N ARG B 9 -11.26 -20.08 -15.97
CA ARG B 9 -10.94 -18.89 -15.20
C ARG B 9 -10.48 -17.73 -16.10
N ALA B 10 -9.55 -17.99 -17.02
CA ALA B 10 -8.80 -16.95 -17.76
C ALA B 10 -9.58 -15.79 -18.40
N PHE B 11 -9.35 -14.59 -17.89
CA PHE B 11 -10.01 -13.40 -18.44
C PHE B 11 -8.94 -12.36 -18.82
N ALA B 12 -8.13 -11.99 -17.85
CA ALA B 12 -7.07 -11.00 -18.04
C ALA B 12 -5.87 -11.34 -17.16
N MET B 13 -4.67 -10.95 -17.57
CA MET B 13 -3.46 -11.20 -16.77
C MET B 13 -3.31 -10.19 -15.63
N PRO B 14 -2.73 -10.63 -14.50
CA PRO B 14 -2.41 -12.03 -14.16
C PRO B 14 -3.63 -12.86 -13.84
N LEU B 15 -3.62 -14.12 -14.31
CA LEU B 15 -4.69 -15.08 -14.03
C LEU B 15 -5.36 -14.96 -12.63
N THR B 16 -4.57 -14.92 -11.57
CA THR B 16 -5.16 -14.97 -10.23
C THR B 16 -5.57 -13.63 -9.63
N SER B 17 -5.20 -12.53 -10.29
CA SER B 17 -5.51 -11.20 -9.77
C SER B 17 -5.55 -10.24 -10.96
N PRO B 18 -6.57 -10.37 -11.81
CA PRO B 18 -6.53 -9.68 -13.12
C PRO B 18 -6.42 -8.17 -13.03
N ALA B 19 -5.78 -7.59 -14.03
CA ALA B 19 -5.44 -6.18 -14.11
C ALA B 19 -6.67 -5.29 -14.18
N PHE B 20 -7.80 -5.90 -14.54
CA PHE B 20 -9.10 -5.26 -14.67
C PHE B 20 -10.17 -6.36 -14.59
N PRO B 21 -11.33 -6.05 -13.98
CA PRO B 21 -12.41 -7.02 -13.88
C PRO B 21 -13.33 -7.04 -15.12
N PRO B 22 -14.19 -8.07 -15.23
CA PRO B 22 -15.25 -8.04 -16.26
C PRO B 22 -16.33 -7.03 -15.87
N GLY B 23 -17.18 -6.68 -16.82
CA GLY B 23 -18.23 -5.71 -16.59
C GLY B 23 -19.47 -6.29 -15.91
N PRO B 24 -20.64 -5.67 -16.14
CA PRO B 24 -20.86 -4.46 -16.96
C PRO B 24 -20.00 -3.27 -16.50
N TYR B 25 -19.55 -2.46 -17.46
CA TYR B 25 -18.80 -1.24 -17.17
C TYR B 25 -19.72 -0.03 -17.14
N ARG B 26 -20.01 0.43 -15.92
CA ARG B 26 -21.04 1.43 -15.70
C ARG B 26 -20.43 2.77 -15.28
N PHE B 27 -20.84 3.85 -15.96
CA PHE B 27 -20.27 5.17 -15.73
C PHE B 27 -21.35 6.13 -15.21
N VAL B 28 -21.10 6.76 -14.06
CA VAL B 28 -21.99 7.79 -13.50
C VAL B 28 -21.30 9.17 -13.48
N ASN B 29 -21.98 10.18 -14.03
CA ASN B 29 -21.48 11.54 -14.09
C ASN B 29 -20.21 11.65 -14.90
N ARG B 30 -20.16 10.89 -15.98
CA ARG B 30 -19.18 11.06 -17.03
C ARG B 30 -19.38 12.46 -17.57
N GLU B 31 -18.36 13.31 -17.47
CA GLU B 31 -18.48 14.70 -17.95
C GLU B 31 -17.57 14.94 -19.14
N TYR B 32 -18.15 15.35 -20.29
CA TYR B 32 -17.42 15.61 -21.54
C TYR B 32 -17.27 17.10 -21.88
N MET B 33 -16.11 17.45 -22.42
CA MET B 33 -15.92 18.66 -23.17
C MET B 33 -15.43 18.22 -24.54
N ILE B 34 -16.17 18.57 -25.59
CA ILE B 34 -15.79 18.18 -26.93
C ILE B 34 -15.66 19.40 -27.82
N ILE B 35 -14.48 19.59 -28.41
CA ILE B 35 -14.28 20.69 -29.33
C ILE B 35 -14.20 20.07 -30.73
N THR B 36 -15.07 20.51 -31.63
CA THR B 36 -15.08 20.00 -33.00
C THR B 36 -14.36 20.96 -33.90
N TYR B 37 -13.35 20.44 -34.60
CA TYR B 37 -12.59 21.28 -35.48
C TYR B 37 -12.43 20.69 -36.86
N ARG B 38 -12.44 21.57 -37.85
CA ARG B 38 -12.15 21.22 -39.22
C ARG B 38 -10.65 21.05 -39.39
N THR B 39 -10.27 20.00 -40.12
CA THR B 39 -8.85 19.72 -40.33
C THR B 39 -8.52 19.48 -41.81
N ASP B 40 -7.26 19.17 -42.09
CA ASP B 40 -6.81 18.85 -43.45
C ASP B 40 -7.38 17.48 -43.82
N PRO B 41 -8.14 17.39 -44.92
CA PRO B 41 -8.66 16.09 -45.34
C PRO B 41 -7.56 15.06 -45.62
N ALA B 42 -6.42 15.52 -46.11
CA ALA B 42 -5.31 14.63 -46.46
C ALA B 42 -4.73 13.97 -45.21
N ALA B 43 -4.85 14.67 -44.08
CA ALA B 43 -4.33 14.19 -42.80
C ALA B 43 -5.23 13.10 -42.21
N ILE B 44 -6.53 13.19 -42.47
CA ILE B 44 -7.45 12.13 -42.10
C ILE B 44 -7.24 10.87 -42.96
N GLU B 45 -7.18 11.02 -44.30
CA GLU B 45 -6.99 9.86 -45.19
C GLU B 45 -5.70 9.13 -44.88
N ALA B 46 -4.65 9.87 -44.51
CA ALA B 46 -3.38 9.25 -44.08
C ALA B 46 -3.53 8.26 -42.92
N VAL B 47 -4.50 8.47 -42.05
CA VAL B 47 -4.60 7.61 -40.86
C VAL B 47 -5.75 6.61 -40.92
N LEU B 48 -6.66 6.82 -41.85
CA LEU B 48 -7.92 6.05 -41.87
C LEU B 48 -7.73 4.66 -42.51
N PRO B 49 -7.94 3.57 -41.73
CA PRO B 49 -7.75 2.23 -42.29
C PRO B 49 -9.00 1.74 -43.03
N GLU B 50 -8.87 1.39 -44.30
CA GLU B 50 -9.98 0.77 -45.01
C GLU B 50 -10.27 -0.58 -44.34
N PRO B 51 -11.54 -1.02 -44.35
CA PRO B 51 -12.72 -0.55 -45.08
C PRO B 51 -13.43 0.68 -44.50
N LEU B 52 -12.87 1.29 -43.44
CA LEU B 52 -13.39 2.56 -42.95
C LEU B 52 -13.25 3.69 -43.98
N GLN B 53 -14.25 4.56 -44.01
CA GLN B 53 -14.36 5.62 -45.02
C GLN B 53 -14.59 6.96 -44.36
N MET B 54 -13.94 7.96 -44.92
CA MET B 54 -13.95 9.30 -44.37
C MET B 54 -15.31 9.98 -44.64
N ALA B 55 -15.77 10.77 -43.66
CA ALA B 55 -16.97 11.59 -43.80
C ALA B 55 -16.55 13.07 -43.88
N GLU B 56 -17.14 13.97 -43.09
CA GLU B 56 -16.67 15.38 -43.07
C GLU B 56 -15.22 15.45 -42.58
N PRO B 57 -14.43 16.42 -43.09
CA PRO B 57 -13.05 16.60 -42.60
C PRO B 57 -12.95 17.31 -41.21
N VAL B 58 -13.55 16.70 -40.19
CA VAL B 58 -13.56 17.26 -38.84
C VAL B 58 -12.96 16.27 -37.84
N VAL B 59 -12.51 16.82 -36.72
CA VAL B 59 -12.04 16.04 -35.58
C VAL B 59 -12.86 16.51 -34.37
N ARG B 60 -13.30 15.55 -33.59
CA ARG B 60 -13.91 15.75 -32.30
C ARG B 60 -12.81 15.51 -31.22
N TYR B 61 -12.28 16.61 -30.71
CA TYR B 61 -11.27 16.51 -29.67
C TYR B 61 -11.93 16.55 -28.28
N GLU B 62 -11.72 15.48 -27.51
CA GLU B 62 -12.37 15.20 -26.23
C GLU B 62 -11.51 15.36 -25.00
N PHE B 63 -12.10 15.92 -23.93
CA PHE B 63 -11.60 15.84 -22.56
C PHE B 63 -12.78 15.23 -21.75
N ILE B 64 -12.55 14.12 -21.05
CA ILE B 64 -13.62 13.41 -20.31
C ILE B 64 -13.17 13.15 -18.87
N ARG B 65 -13.97 13.59 -17.90
N ARG B 65 -14.00 13.57 -17.91
CA ARG B 65 -13.79 13.21 -16.48
CA ARG B 65 -13.85 13.19 -16.52
C ARG B 65 -14.69 12.00 -16.19
C ARG B 65 -14.69 11.94 -16.26
N MET B 66 -14.12 10.95 -15.61
CA MET B 66 -14.89 9.75 -15.23
C MET B 66 -14.76 9.40 -13.75
N PRO B 67 -15.40 10.20 -12.88
CA PRO B 67 -15.17 10.06 -11.43
C PRO B 67 -15.66 8.76 -10.79
N ASP B 68 -16.51 8.01 -11.49
CA ASP B 68 -17.21 6.85 -10.92
C ASP B 68 -17.45 5.81 -12.03
N SER B 69 -16.56 4.82 -12.05
CA SER B 69 -16.52 3.83 -13.12
C SER B 69 -16.27 2.47 -12.48
N THR B 70 -17.28 1.61 -12.56
CA THR B 70 -17.22 0.27 -11.98
C THR B 70 -15.98 -0.51 -12.48
N GLY B 71 -15.22 -1.08 -11.55
CA GLY B 71 -14.07 -1.91 -11.90
C GLY B 71 -12.81 -1.12 -12.19
N PHE B 72 -12.97 0.14 -12.60
CA PHE B 72 -11.85 0.98 -13.07
C PHE B 72 -11.43 2.08 -12.10
N GLY B 73 -12.40 2.75 -11.49
CA GLY B 73 -12.13 3.77 -10.51
C GLY B 73 -12.56 5.16 -10.94
N ASP B 74 -11.71 6.11 -10.58
CA ASP B 74 -11.96 7.51 -10.79
C ASP B 74 -10.80 8.03 -11.64
N TYR B 75 -11.10 8.55 -12.82
CA TYR B 75 -10.03 8.89 -13.78
C TYR B 75 -10.48 9.89 -14.84
N SER B 76 -9.53 10.32 -15.67
CA SER B 76 -9.77 11.24 -16.78
C SER B 76 -9.16 10.73 -18.07
N GLU B 77 -9.69 11.27 -19.18
N GLU B 77 -9.62 11.31 -19.15
CA GLU B 77 -9.36 10.80 -20.53
CA GLU B 77 -9.25 10.90 -20.44
C GLU B 77 -9.27 12.02 -21.43
C GLU B 77 -9.24 12.03 -21.43
N SER B 78 -8.39 11.97 -22.41
CA SER B 78 -8.44 12.89 -23.52
C SER B 78 -8.24 12.10 -24.80
N GLY B 79 -8.81 12.58 -25.90
CA GLY B 79 -8.75 11.79 -27.13
C GLY B 79 -9.18 12.49 -28.38
N GLN B 80 -8.88 11.85 -29.51
CA GLN B 80 -9.17 12.39 -30.82
C GLN B 80 -10.06 11.41 -31.55
N VAL B 81 -11.21 11.89 -31.99
CA VAL B 81 -12.22 11.05 -32.62
C VAL B 81 -12.66 11.65 -33.94
N ILE B 82 -12.77 10.80 -34.97
CA ILE B 82 -13.21 11.28 -36.28
C ILE B 82 -14.52 10.61 -36.77
N PRO B 83 -15.41 11.38 -37.46
CA PRO B 83 -16.57 10.71 -38.06
C PRO B 83 -16.18 9.85 -39.27
N VAL B 84 -16.95 8.81 -39.52
CA VAL B 84 -16.55 7.79 -40.45
C VAL B 84 -17.82 7.02 -40.91
N THR B 85 -17.76 6.39 -42.09
CA THR B 85 -18.79 5.43 -42.45
C THR B 85 -18.12 4.10 -42.60
N PHE B 86 -18.82 3.05 -42.17
CA PHE B 86 -18.45 1.71 -42.51
C PHE B 86 -19.68 1.01 -43.13
N ARG B 87 -19.53 0.55 -44.36
CA ARG B 87 -20.64 -0.05 -45.13
C ARG B 87 -21.76 0.98 -45.28
N GLY B 88 -21.39 2.23 -45.51
CA GLY B 88 -22.35 3.32 -45.64
C GLY B 88 -22.93 3.85 -44.34
N GLU B 89 -22.92 3.05 -43.28
CA GLU B 89 -23.35 3.48 -41.94
C GLU B 89 -22.40 4.50 -41.25
N ARG B 90 -22.99 5.57 -40.72
CA ARG B 90 -22.25 6.61 -40.00
C ARG B 90 -21.86 6.21 -38.58
N GLY B 91 -20.57 6.29 -38.28
CA GLY B 91 -20.12 6.24 -36.87
C GLY B 91 -18.87 7.07 -36.61
N SER B 92 -18.11 6.64 -35.61
CA SER B 92 -16.84 7.26 -35.21
C SER B 92 -15.64 6.32 -35.33
N TYR B 93 -14.46 6.91 -35.46
CA TYR B 93 -13.25 6.17 -35.29
C TYR B 93 -12.42 6.87 -34.21
N THR B 94 -11.98 6.13 -33.19
CA THR B 94 -11.06 6.69 -32.20
C THR B 94 -9.60 6.55 -32.68
N LEU B 95 -8.99 7.69 -32.97
CA LEU B 95 -7.59 7.74 -33.35
C LEU B 95 -6.59 7.59 -32.16
N ALA B 96 -6.88 8.25 -31.05
CA ALA B 96 -5.90 8.46 -29.99
C ALA B 96 -6.62 8.73 -28.67
N MET B 97 -6.12 8.13 -27.57
CA MET B 97 -6.68 8.30 -26.23
C MET B 97 -5.59 8.27 -25.19
N PHE B 98 -5.78 9.03 -24.11
CA PHE B 98 -4.78 9.20 -23.05
C PHE B 98 -5.53 9.18 -21.75
N LEU B 99 -5.07 8.33 -20.82
CA LEU B 99 -5.69 8.10 -19.50
C LEU B 99 -4.66 8.22 -18.39
N ASP B 100 -5.11 8.56 -17.18
CA ASP B 100 -4.27 8.62 -15.98
C ASP B 100 -4.51 7.47 -14.91
N ASP B 101 -4.90 6.28 -15.37
CA ASP B 101 -5.36 5.16 -14.48
C ASP B 101 -5.11 3.86 -15.30
N GLN B 102 -4.44 2.87 -14.70
CA GLN B 102 -3.98 1.68 -15.43
C GLN B 102 -5.08 0.67 -15.76
N PRO B 103 -5.87 0.23 -14.75
CA PRO B 103 -6.92 -0.74 -15.12
C PRO B 103 -7.75 -0.39 -16.35
N PRO B 104 -8.26 0.87 -16.48
CA PRO B 104 -9.02 1.20 -17.72
C PRO B 104 -8.13 1.31 -18.98
N LEU B 105 -6.83 1.50 -18.81
CA LEU B 105 -5.91 1.58 -19.94
C LEU B 105 -5.63 0.18 -20.47
N ALA B 106 -5.20 -0.74 -19.61
CA ALA B 106 -5.08 -2.16 -19.99
C ALA B 106 -6.40 -2.70 -20.51
N GLY B 107 -7.46 -2.46 -19.75
CA GLY B 107 -8.77 -3.01 -20.09
C GLY B 107 -9.27 -2.50 -21.41
N GLY B 108 -9.11 -1.19 -21.62
CA GLY B 108 -9.47 -0.60 -22.90
C GLY B 108 -8.79 -1.20 -24.09
N ARG B 109 -7.47 -1.32 -23.99
CA ARG B 109 -6.62 -1.91 -25.07
C ARG B 109 -6.91 -3.39 -25.29
N GLU B 110 -6.88 -4.18 -24.21
CA GLU B 110 -6.94 -5.62 -24.33
C GLU B 110 -8.32 -6.16 -24.67
N LEU B 111 -9.36 -5.45 -24.23
CA LEU B 111 -10.71 -5.94 -24.42
C LEU B 111 -11.39 -5.35 -25.66
N TRP B 112 -11.66 -4.04 -25.68
CA TRP B 112 -12.24 -3.41 -26.86
C TRP B 112 -11.23 -3.17 -27.96
N GLY B 113 -9.99 -2.88 -27.59
CA GLY B 113 -9.05 -2.31 -28.54
C GLY B 113 -9.09 -0.78 -28.69
N PHE B 114 -9.32 -0.07 -27.60
CA PHE B 114 -9.12 1.38 -27.59
C PHE B 114 -7.61 1.69 -27.70
N PRO B 115 -7.25 2.72 -28.45
CA PRO B 115 -5.84 3.08 -28.68
C PRO B 115 -5.18 3.95 -27.58
N LYS B 116 -5.07 3.45 -26.38
CA LYS B 116 -4.85 4.09 -25.12
C LYS B 116 -3.38 4.09 -24.87
N LYS B 117 -2.99 5.27 -24.42
CA LYS B 117 -1.69 5.58 -23.93
C LYS B 117 -1.85 6.34 -22.61
N ALA B 118 -0.78 6.41 -21.84
CA ALA B 118 -0.76 7.15 -20.57
C ALA B 118 -0.64 8.67 -20.86
N GLY B 119 -1.20 9.48 -19.99
CA GLY B 119 -1.07 10.95 -20.08
C GLY B 119 -1.71 11.54 -18.85
N LYS B 120 -1.74 12.89 -18.75
CA LYS B 120 -2.43 13.55 -17.62
C LYS B 120 -3.46 14.51 -18.19
N PRO B 121 -4.70 13.99 -18.41
CA PRO B 121 -5.84 14.81 -18.81
C PRO B 121 -6.44 15.47 -17.58
N ARG B 122 -6.88 16.71 -17.72
CA ARG B 122 -7.62 17.39 -16.67
C ARG B 122 -8.77 18.13 -17.32
N LEU B 123 -9.90 18.19 -16.63
CA LEU B 123 -11.01 19.02 -17.05
C LEU B 123 -11.57 19.70 -15.80
N GLU B 124 -11.44 21.01 -15.74
CA GLU B 124 -11.88 21.79 -14.57
C GLU B 124 -12.37 23.19 -14.91
N VAL B 125 -13.30 23.67 -14.11
CA VAL B 125 -13.84 25.00 -14.25
C VAL B 125 -12.90 25.96 -13.50
N HIS B 126 -12.44 26.99 -14.18
CA HIS B 126 -11.66 28.03 -13.51
C HIS B 126 -12.46 29.29 -13.64
N GLN B 127 -13.24 29.58 -12.60
CA GLN B 127 -14.09 30.76 -12.56
C GLN B 127 -15.12 30.72 -13.68
N ASP B 128 -14.86 31.41 -14.78
CA ASP B 128 -15.80 31.51 -15.89
C ASP B 128 -15.51 30.52 -17.06
N THR B 129 -14.40 29.80 -17.00
CA THR B 129 -13.99 28.98 -18.15
C THR B 129 -13.90 27.47 -17.81
N LEU B 130 -14.47 26.63 -18.68
CA LEU B 130 -14.21 25.18 -18.67
C LEU B 130 -12.88 24.97 -19.39
N VAL B 131 -11.87 24.48 -18.66
CA VAL B 131 -10.53 24.27 -19.24
C VAL B 131 -10.19 22.78 -19.29
N GLY B 132 -9.96 22.26 -20.48
CA GLY B 132 -9.42 20.90 -20.65
C GLY B 132 -7.94 20.97 -20.99
N SER B 133 -7.11 20.15 -20.36
CA SER B 133 -5.71 20.11 -20.72
C SER B 133 -5.18 18.69 -20.82
N LEU B 134 -4.23 18.48 -21.70
CA LEU B 134 -3.55 17.19 -21.77
C LEU B 134 -2.02 17.36 -21.74
N ASP B 135 -1.38 16.74 -20.74
CA ASP B 135 0.06 16.71 -20.63
C ASP B 135 0.58 15.28 -20.91
N PHE B 136 1.67 15.18 -21.66
CA PHE B 136 2.33 13.91 -21.87
C PHE B 136 3.73 14.12 -21.31
N GLY B 137 4.01 13.51 -20.17
CA GLY B 137 5.22 13.85 -19.40
C GLY B 137 5.24 15.35 -19.07
N PRO B 138 6.41 16.00 -19.21
CA PRO B 138 6.46 17.43 -18.90
C PRO B 138 5.91 18.34 -20.01
N VAL B 139 5.23 17.79 -21.02
CA VAL B 139 4.90 18.55 -22.21
C VAL B 139 3.37 18.66 -22.40
N ARG B 140 2.87 19.88 -22.48
CA ARG B 140 1.47 20.14 -22.84
C ARG B 140 1.24 19.86 -24.33
N ILE B 141 0.33 18.95 -24.64
CA ILE B 141 0.00 18.68 -26.04
C ILE B 141 -1.40 19.19 -26.43
N ALA B 142 -2.29 19.40 -25.46
CA ALA B 142 -3.64 19.93 -25.80
C ALA B 142 -4.22 20.80 -24.72
N THR B 143 -4.75 21.97 -25.13
CA THR B 143 -5.46 22.92 -24.27
C THR B 143 -6.79 23.34 -24.94
N GLY B 144 -7.90 23.00 -24.28
CA GLY B 144 -9.16 23.38 -24.84
C GLY B 144 -9.84 24.28 -23.85
N THR B 145 -10.65 25.21 -24.35
CA THR B 145 -11.43 26.07 -23.42
C THR B 145 -12.87 26.22 -23.95
N MET B 146 -13.83 26.41 -23.07
CA MET B 146 -15.20 26.77 -23.45
C MET B 146 -15.72 27.79 -22.44
N GLY B 147 -16.61 28.67 -22.89
CA GLY B 147 -17.45 29.38 -21.92
C GLY B 147 -18.27 28.39 -21.08
N TYR B 148 -18.87 28.87 -20.02
CA TYR B 148 -19.61 28.00 -19.11
C TYR B 148 -21.12 27.95 -19.33
N LYS B 149 -21.59 26.85 -19.92
CA LYS B 149 -23.02 26.61 -20.02
C LYS B 149 -23.83 27.80 -20.55
N TYR B 150 -23.38 28.38 -21.65
CA TYR B 150 -24.06 29.48 -22.36
C TYR B 150 -25.48 29.19 -22.81
N GLU B 151 -25.70 28.05 -23.47
CA GLU B 151 -27.04 27.63 -23.90
C GLU B 151 -27.28 26.13 -23.82
N ALA B 152 -28.45 25.79 -23.30
CA ALA B 152 -28.91 24.43 -23.21
C ALA B 152 -28.91 23.78 -24.59
N LEU B 153 -28.54 22.52 -24.64
CA LEU B 153 -28.38 21.85 -25.90
C LEU B 153 -29.53 20.86 -26.05
N ASP B 154 -29.96 20.66 -27.28
CA ASP B 154 -31.06 19.74 -27.62
C ASP B 154 -30.63 18.32 -27.28
N ARG B 155 -31.21 17.81 -26.20
CA ARG B 155 -30.84 16.51 -25.69
C ARG B 155 -31.18 15.37 -26.60
N SER B 156 -32.31 15.46 -27.28
CA SER B 156 -32.80 14.37 -28.13
C SER B 156 -31.86 14.14 -29.30
N ALA B 157 -31.33 15.23 -29.85
CA ALA B 157 -30.26 15.13 -30.85
C ALA B 157 -28.97 14.53 -30.26
N LEU B 158 -28.50 15.08 -29.13
CA LEU B 158 -27.33 14.51 -28.43
C LEU B 158 -27.40 13.00 -28.29
N LEU B 159 -28.40 12.53 -27.53
CA LEU B 159 -28.71 11.12 -27.25
C LEU B 159 -28.62 10.21 -28.47
N ALA B 160 -28.78 10.80 -29.64
CA ALA B 160 -28.67 10.14 -30.93
C ALA B 160 -27.20 9.90 -31.32
N SER B 161 -26.36 10.94 -31.25
CA SER B 161 -24.93 10.80 -31.50
C SER B 161 -24.31 9.77 -30.53
N LEU B 162 -24.98 9.57 -29.39
CA LEU B 162 -24.57 8.61 -28.38
C LEU B 162 -25.06 7.18 -28.67
N ALA B 163 -25.84 7.02 -29.72
CA ALA B 163 -26.37 5.72 -30.13
C ALA B 163 -25.68 5.20 -31.39
N GLU B 164 -25.07 6.11 -32.15
CA GLU B 164 -24.19 5.74 -33.27
C GLU B 164 -23.16 4.68 -32.87
N PRO B 165 -22.76 3.84 -33.84
CA PRO B 165 -21.69 2.89 -33.55
C PRO B 165 -20.35 3.60 -33.48
N ASN B 166 -19.49 3.10 -32.61
CA ASN B 166 -18.12 3.53 -32.48
C ASN B 166 -17.22 2.41 -32.98
N PHE B 167 -16.33 2.74 -33.89
CA PHE B 167 -15.40 1.75 -34.45
C PHE B 167 -13.96 1.96 -33.96
N LEU B 168 -13.27 0.85 -33.70
CA LEU B 168 -11.90 0.80 -33.19
C LEU B 168 -11.10 -0.23 -34.01
N LEU B 169 -9.84 0.07 -34.26
CA LEU B 169 -8.97 -0.94 -34.82
C LEU B 169 -8.18 -1.64 -33.71
N LYS B 170 -8.71 -2.78 -33.25
CA LYS B 170 -8.00 -3.67 -32.31
C LYS B 170 -6.84 -4.47 -32.92
N ILE B 171 -5.65 -4.23 -32.37
CA ILE B 171 -4.42 -4.93 -32.78
C ILE B 171 -3.74 -5.48 -31.53
N ILE B 172 -3.35 -6.76 -31.56
CA ILE B 172 -2.53 -7.35 -30.50
C ILE B 172 -1.42 -8.21 -31.17
N PRO B 173 -0.14 -7.95 -30.87
CA PRO B 173 0.91 -8.82 -31.40
C PRO B 173 0.92 -10.25 -30.83
N HIS B 174 1.38 -11.16 -31.68
CA HIS B 174 1.72 -12.49 -31.29
C HIS B 174 3.06 -12.36 -30.63
N VAL B 175 3.47 -13.38 -29.90
CA VAL B 175 4.78 -13.39 -29.25
C VAL B 175 5.96 -13.09 -30.20
N ASP B 176 5.78 -13.36 -31.49
CA ASP B 176 6.86 -13.15 -32.47
C ASP B 176 6.78 -11.80 -33.15
N GLY B 177 5.80 -10.98 -32.77
CA GLY B 177 5.72 -9.63 -33.31
C GLY B 177 4.76 -9.46 -34.46
N SER B 178 4.38 -10.56 -35.11
CA SER B 178 3.34 -10.54 -36.15
C SER B 178 1.95 -10.31 -35.52
N PRO B 179 0.97 -9.74 -36.26
CA PRO B 179 -0.30 -9.51 -35.57
C PRO B 179 -1.12 -10.77 -35.28
N ARG B 180 -1.45 -10.99 -34.01
CA ARG B 180 -2.28 -12.11 -33.57
C ARG B 180 -3.77 -11.70 -33.59
N ILE B 181 -4.05 -10.45 -33.28
CA ILE B 181 -5.39 -9.89 -33.42
C ILE B 181 -5.22 -8.63 -34.27
N CYS B 182 -6.06 -8.48 -35.28
CA CYS B 182 -6.11 -7.27 -36.08
C CYS B 182 -7.49 -7.17 -36.68
N GLU B 183 -8.37 -6.39 -36.04
CA GLU B 183 -9.78 -6.33 -36.41
C GLU B 183 -10.46 -5.01 -36.11
N LEU B 184 -11.40 -4.61 -36.96
CA LEU B 184 -12.36 -3.55 -36.62
C LEU B 184 -13.42 -4.03 -35.67
N VAL B 185 -13.55 -3.30 -34.55
CA VAL B 185 -14.51 -3.59 -33.50
C VAL B 185 -15.58 -2.48 -33.47
N ARG B 186 -16.83 -2.88 -33.30
CA ARG B 186 -17.97 -1.97 -33.20
C ARG B 186 -18.44 -2.04 -31.76
N TYR B 187 -18.63 -0.88 -31.11
CA TYR B 187 -19.16 -0.87 -29.73
C TYR B 187 -20.16 0.24 -29.52
N HIS B 188 -21.00 0.09 -28.51
CA HIS B 188 -22.01 1.07 -28.18
C HIS B 188 -21.96 1.51 -26.73
N THR B 189 -22.33 2.77 -26.54
CA THR B 189 -22.65 3.25 -25.21
C THR B 189 -24.15 3.09 -25.08
N THR B 190 -24.60 2.33 -24.09
CA THR B 190 -26.02 2.15 -23.87
C THR B 190 -26.49 2.59 -22.49
N ASP B 191 -27.82 2.55 -22.29
N ASP B 191 -27.80 2.45 -22.24
CA ASP B 191 -28.46 2.96 -21.06
CA ASP B 191 -28.46 2.98 -21.05
C ASP B 191 -28.07 4.38 -20.66
C ASP B 191 -27.94 4.37 -20.70
N VAL B 192 -28.14 5.30 -21.63
CA VAL B 192 -27.67 6.66 -21.47
C VAL B 192 -28.71 7.56 -20.76
N ALA B 193 -28.30 8.23 -19.69
CA ALA B 193 -29.11 9.31 -19.12
C ALA B 193 -28.32 10.62 -19.12
N ILE B 194 -28.69 11.53 -20.01
CA ILE B 194 -28.15 12.89 -20.05
C ILE B 194 -28.63 13.68 -18.86
N LYS B 195 -27.70 14.21 -18.06
CA LYS B 195 -28.04 15.00 -16.88
C LYS B 195 -28.07 16.50 -17.20
N GLY B 196 -27.32 16.90 -18.22
CA GLY B 196 -27.38 18.26 -18.76
C GLY B 196 -26.45 18.37 -19.96
N ALA B 197 -26.77 19.24 -20.90
CA ALA B 197 -25.95 19.44 -22.09
C ALA B 197 -26.01 20.90 -22.48
N TRP B 198 -24.86 21.44 -22.90
CA TRP B 198 -24.71 22.87 -23.13
C TRP B 198 -23.75 23.12 -24.26
N SER B 199 -23.92 24.26 -24.90
CA SER B 199 -22.94 24.75 -25.84
C SER B 199 -22.49 26.14 -25.40
N ALA B 200 -21.41 26.61 -26.03
CA ALA B 200 -20.72 27.84 -25.66
C ALA B 200 -19.59 28.00 -26.67
N PRO B 201 -18.97 29.19 -26.74
CA PRO B 201 -17.76 29.34 -27.58
C PRO B 201 -16.64 28.43 -27.09
N GLY B 202 -15.81 27.97 -28.03
CA GLY B 202 -14.68 27.08 -27.70
C GLY B 202 -13.39 27.47 -28.38
N SER B 203 -12.29 26.91 -27.88
CA SER B 203 -10.99 27.07 -28.49
C SER B 203 -10.23 25.78 -28.26
N LEU B 204 -9.25 25.54 -29.13
CA LEU B 204 -8.38 24.39 -29.05
C LEU B 204 -7.00 24.76 -29.55
N GLU B 205 -5.97 24.47 -28.76
CA GLU B 205 -4.58 24.50 -29.25
C GLU B 205 -3.87 23.14 -29.01
N LEU B 206 -3.17 22.67 -30.05
CA LEU B 206 -2.44 21.39 -30.05
C LEU B 206 -0.94 21.62 -30.24
N HIS B 207 -0.09 20.82 -29.60
CA HIS B 207 1.35 20.97 -29.77
C HIS B 207 1.97 19.63 -30.17
N PRO B 208 3.05 19.66 -30.97
CA PRO B 208 3.56 18.36 -31.37
C PRO B 208 4.17 17.53 -30.23
N HIS B 209 4.21 16.22 -30.45
CA HIS B 209 4.90 15.28 -29.59
C HIS B 209 5.13 14.01 -30.37
N ALA B 210 6.36 13.52 -30.33
CA ALA B 210 6.84 12.35 -31.05
C ALA B 210 5.98 11.09 -30.77
N LEU B 211 5.50 10.98 -29.54
CA LEU B 211 4.84 9.79 -29.05
C LEU B 211 3.35 9.98 -28.81
N ALA B 212 2.88 11.23 -28.96
CA ALA B 212 1.47 11.60 -28.82
C ALA B 212 1.11 12.59 -29.95
N PRO B 213 1.02 12.09 -31.19
CA PRO B 213 0.91 12.99 -32.33
C PRO B 213 -0.50 13.51 -32.65
N VAL B 214 -1.19 14.08 -31.67
CA VAL B 214 -2.53 14.62 -31.95
C VAL B 214 -2.49 15.80 -32.93
N ALA B 215 -1.38 16.55 -32.91
CA ALA B 215 -1.18 17.76 -33.71
C ALA B 215 -1.02 17.47 -35.21
N ALA B 216 -0.86 16.19 -35.55
CA ALA B 216 -0.79 15.76 -36.94
C ALA B 216 -2.14 15.97 -37.66
N LEU B 217 -3.24 16.07 -36.89
CA LEU B 217 -4.53 16.56 -37.42
C LEU B 217 -4.71 18.02 -36.98
N PRO B 218 -4.27 18.98 -37.82
CA PRO B 218 -4.12 20.35 -37.38
C PRO B 218 -5.44 21.09 -37.21
N VAL B 219 -5.45 22.01 -36.26
CA VAL B 219 -6.65 22.78 -35.96
C VAL B 219 -6.77 23.94 -36.97
N LEU B 220 -7.53 23.71 -38.03
CA LEU B 220 -7.65 24.74 -39.06
C LEU B 220 -8.68 25.80 -38.63
N GLU B 221 -9.84 25.33 -38.17
CA GLU B 221 -10.91 26.19 -37.71
C GLU B 221 -11.75 25.45 -36.66
N VAL B 222 -11.96 26.06 -35.50
CA VAL B 222 -12.86 25.48 -34.50
C VAL B 222 -14.32 25.68 -34.95
N LEU B 223 -15.12 24.61 -34.94
CA LEU B 223 -16.49 24.67 -35.46
C LEU B 223 -17.54 24.77 -34.35
N SER B 224 -17.32 24.05 -33.26
CA SER B 224 -18.25 24.06 -32.13
C SER B 224 -17.62 23.52 -30.85
N ALA B 225 -18.25 23.83 -29.71
CA ALA B 225 -17.90 23.21 -28.44
C ALA B 225 -19.14 22.74 -27.74
N ARG B 226 -19.04 21.60 -27.07
CA ARG B 226 -20.14 21.01 -26.33
C ARG B 226 -19.63 20.48 -25.00
N HIS B 227 -20.48 20.61 -24.00
CA HIS B 227 -20.19 20.21 -22.64
C HIS B 227 -21.42 19.43 -22.22
N PHE B 228 -21.25 18.23 -21.65
CA PHE B 228 -22.37 17.48 -21.13
C PHE B 228 -21.99 16.48 -20.06
N VAL B 229 -22.94 16.15 -19.20
CA VAL B 229 -22.73 15.21 -18.09
C VAL B 229 -23.75 14.07 -18.27
N CYS B 230 -23.33 12.84 -18.01
CA CYS B 230 -24.22 11.69 -18.22
C CYS B 230 -23.84 10.42 -17.45
N ASP B 231 -24.79 9.49 -17.38
CA ASP B 231 -24.54 8.13 -16.91
C ASP B 231 -24.61 7.27 -18.15
N LEU B 232 -23.79 6.23 -18.23
CA LEU B 232 -23.91 5.29 -19.35
C LEU B 232 -23.22 3.95 -19.08
N THR B 233 -23.50 2.98 -19.95
CA THR B 233 -22.82 1.70 -19.90
C THR B 233 -22.04 1.52 -21.18
N LEU B 234 -20.78 1.15 -21.02
CA LEU B 234 -19.93 0.86 -22.14
C LEU B 234 -20.10 -0.63 -22.42
N ASP B 235 -20.85 -0.96 -23.47
CA ASP B 235 -21.07 -2.35 -23.83
C ASP B 235 -19.80 -2.94 -24.45
N LEU B 236 -19.63 -4.22 -24.25
CA LEU B 236 -18.61 -4.98 -25.02
C LEU B 236 -18.84 -4.84 -26.51
N GLY B 237 -17.75 -4.78 -27.26
CA GLY B 237 -17.83 -4.60 -28.69
C GLY B 237 -18.03 -5.90 -29.44
N THR B 238 -18.19 -5.78 -30.75
CA THR B 238 -18.30 -6.93 -31.63
C THR B 238 -17.31 -6.77 -32.78
N VAL B 239 -16.80 -7.88 -33.30
CA VAL B 239 -15.94 -7.81 -34.48
C VAL B 239 -16.77 -7.62 -35.73
N VAL B 240 -16.49 -6.57 -36.49
CA VAL B 240 -17.23 -6.34 -37.74
C VAL B 240 -16.38 -6.50 -39.00
N PHE B 241 -15.07 -6.67 -38.82
CA PHE B 241 -14.12 -6.90 -39.90
C PHE B 241 -12.82 -7.41 -39.33
N ASP B 242 -12.47 -8.64 -39.71
CA ASP B 242 -11.22 -9.26 -39.28
C ASP B 242 -10.21 -9.27 -40.42
N TYR B 243 -9.15 -8.49 -40.28
CA TYR B 243 -8.09 -8.43 -41.30
C TYR B 243 -7.33 -9.75 -41.46
N LEU B 244 -7.44 -10.63 -40.49
CA LEU B 244 -6.64 -11.83 -40.48
C LEU B 244 -7.42 -13.03 -40.96
N MET C 1 -33.33 29.79 34.55
CA MET C 1 -32.17 29.67 35.50
C MET C 1 -32.55 29.46 36.98
N LYS C 2 -33.85 29.40 37.24
CA LYS C 2 -34.37 28.87 38.51
C LYS C 2 -34.19 27.36 38.50
N GLN C 3 -34.08 26.75 39.68
CA GLN C 3 -33.82 25.30 39.80
C GLN C 3 -34.72 24.43 38.93
N GLN C 4 -35.99 24.83 38.79
CA GLN C 4 -36.97 24.09 37.96
C GLN C 4 -36.72 24.22 36.45
N GLU C 5 -36.30 25.40 36.00
CA GLU C 5 -35.95 25.63 34.59
C GLU C 5 -34.64 24.93 34.20
N VAL C 6 -33.76 24.72 35.18
CA VAL C 6 -32.52 23.98 34.95
C VAL C 6 -32.83 22.51 34.68
N ARG C 7 -33.66 21.89 35.53
CA ARG C 7 -34.14 20.51 35.33
C ARG C 7 -34.75 20.35 33.94
N GLN C 8 -35.59 21.30 33.56
CA GLN C 8 -36.35 21.31 32.31
C GLN C 8 -35.45 21.48 31.07
N ARG C 9 -34.54 22.45 31.13
CA ARG C 9 -33.62 22.74 30.00
C ARG C 9 -32.43 21.80 29.85
N ALA C 10 -31.93 21.22 30.93
CA ALA C 10 -30.77 20.33 30.86
C ALA C 10 -30.86 19.26 29.74
N PHE C 11 -29.78 19.16 28.96
CA PHE C 11 -29.64 18.11 27.95
C PHE C 11 -28.19 17.62 27.94
N ALA C 12 -27.26 18.52 27.64
CA ALA C 12 -25.81 18.22 27.59
C ALA C 12 -25.04 19.41 28.12
N MET C 13 -23.83 19.17 28.61
CA MET C 13 -22.96 20.26 29.04
C MET C 13 -22.28 20.96 27.85
N PRO C 14 -22.03 22.28 27.96
CA PRO C 14 -22.58 23.22 28.95
C PRO C 14 -24.05 23.54 28.73
N LEU C 15 -24.77 23.63 29.85
CA LEU C 15 -26.20 23.89 29.87
C LEU C 15 -26.68 24.90 28.81
N THR C 16 -26.08 26.08 28.78
CA THR C 16 -26.52 27.18 27.92
C THR C 16 -26.00 27.18 26.46
N SER C 17 -25.06 26.27 26.15
CA SER C 17 -24.53 26.12 24.78
C SER C 17 -24.01 24.69 24.61
N PRO C 18 -24.91 23.70 24.70
CA PRO C 18 -24.50 22.31 24.83
C PRO C 18 -23.58 21.80 23.71
N ALA C 19 -22.68 20.89 24.08
CA ALA C 19 -21.61 20.40 23.20
C ALA C 19 -22.12 19.70 21.93
N PHE C 20 -23.36 19.22 21.96
CA PHE C 20 -24.01 18.56 20.82
C PHE C 20 -25.53 18.79 20.94
N PRO C 21 -26.27 18.90 19.80
CA PRO C 21 -27.71 19.16 19.92
C PRO C 21 -28.52 17.86 20.03
N PRO C 22 -29.84 17.97 20.32
CA PRO C 22 -30.71 16.79 20.27
C PRO C 22 -31.02 16.45 18.81
N GLY C 23 -31.59 15.28 18.54
CA GLY C 23 -31.91 14.91 17.15
C GLY C 23 -33.18 15.50 16.51
N PRO C 24 -33.73 14.84 15.48
CA PRO C 24 -33.27 13.54 14.93
C PRO C 24 -31.90 13.61 14.27
N TYR C 25 -31.08 12.58 14.46
CA TYR C 25 -29.76 12.54 13.82
C TYR C 25 -29.83 11.90 12.43
N ARG C 26 -29.84 12.77 11.43
CA ARG C 26 -30.00 12.36 10.05
C ARG C 26 -28.67 12.39 9.29
N PHE C 27 -28.38 11.27 8.62
CA PHE C 27 -27.15 11.07 7.86
C PHE C 27 -27.42 10.93 6.36
N VAL C 28 -26.80 11.82 5.58
CA VAL C 28 -26.93 11.77 4.12
C VAL C 28 -25.61 11.38 3.45
N ASN C 29 -25.70 10.38 2.57
CA ASN C 29 -24.57 9.79 1.87
C ASN C 29 -23.46 9.37 2.81
N ARG C 30 -23.77 8.62 3.88
CA ARG C 30 -22.66 8.01 4.57
C ARG C 30 -22.12 6.90 3.70
N GLU C 31 -20.81 6.78 3.68
CA GLU C 31 -20.13 5.85 2.81
C GLU C 31 -19.27 4.94 3.64
N TYR C 32 -19.52 3.64 3.49
CA TYR C 32 -18.90 2.59 4.29
C TYR C 32 -17.93 1.76 3.44
N MET C 33 -16.74 1.50 3.97
CA MET C 33 -15.96 0.35 3.58
C MET C 33 -15.94 -0.59 4.80
N ILE C 34 -16.48 -1.79 4.66
CA ILE C 34 -16.42 -2.78 5.72
C ILE C 34 -15.63 -4.01 5.29
N ILE C 35 -14.57 -4.31 6.00
CA ILE C 35 -13.82 -5.54 5.74
C ILE C 35 -14.10 -6.53 6.88
N THR C 36 -14.72 -7.66 6.53
CA THR C 36 -15.02 -8.72 7.50
C THR C 36 -13.91 -9.77 7.53
N TYR C 37 -13.39 -10.03 8.72
CA TYR C 37 -12.29 -10.96 8.88
C TYR C 37 -12.52 -11.97 9.99
N ARG C 38 -11.99 -13.17 9.80
CA ARG C 38 -12.04 -14.21 10.79
C ARG C 38 -10.90 -13.96 11.76
N THR C 39 -11.19 -14.03 13.06
CA THR C 39 -10.18 -13.82 14.08
C THR C 39 -10.09 -15.03 15.04
N ASP C 40 -9.17 -14.95 16.00
CA ASP C 40 -9.07 -15.91 17.09
C ASP C 40 -10.31 -15.74 17.96
N PRO C 41 -11.14 -16.83 18.09
CA PRO C 41 -12.37 -16.82 18.94
C PRO C 41 -12.09 -16.49 20.42
N ALA C 42 -10.92 -16.92 20.90
CA ALA C 42 -10.44 -16.60 22.25
C ALA C 42 -10.32 -15.10 22.52
N ALA C 43 -10.08 -14.32 21.47
CA ALA C 43 -9.89 -12.88 21.60
C ALA C 43 -11.21 -12.13 21.69
N ILE C 44 -12.25 -12.66 21.05
CA ILE C 44 -13.60 -12.12 21.18
C ILE C 44 -14.13 -12.37 22.60
N GLU C 45 -14.08 -13.64 23.03
CA GLU C 45 -14.50 -14.05 24.38
C GLU C 45 -13.92 -13.17 25.50
N ALA C 46 -12.67 -12.75 25.31
CA ALA C 46 -11.94 -11.95 26.30
C ALA C 46 -12.45 -10.50 26.44
N VAL C 47 -13.26 -10.03 25.49
CA VAL C 47 -13.77 -8.65 25.52
C VAL C 47 -15.29 -8.58 25.54
N LEU C 48 -15.95 -9.73 25.40
CA LEU C 48 -17.41 -9.75 25.29
C LEU C 48 -18.08 -9.79 26.68
N PRO C 49 -18.89 -8.76 27.00
CA PRO C 49 -19.54 -8.71 28.28
C PRO C 49 -20.89 -9.46 28.29
N GLU C 50 -21.00 -10.52 29.10
CA GLU C 50 -22.29 -11.18 29.29
C GLU C 50 -23.26 -10.15 29.84
N PRO C 51 -24.59 -10.28 29.57
CA PRO C 51 -25.38 -11.36 28.96
C PRO C 51 -25.23 -11.59 27.44
N LEU C 52 -24.32 -10.87 26.80
CA LEU C 52 -24.07 -10.99 25.36
C LEU C 52 -23.44 -12.33 25.03
N GLN C 53 -23.96 -12.98 23.98
CA GLN C 53 -23.42 -14.26 23.54
C GLN C 53 -22.67 -14.11 22.21
N MET C 54 -21.52 -14.78 22.15
CA MET C 54 -20.71 -14.87 20.94
C MET C 54 -21.46 -15.55 19.77
N ALA C 55 -21.07 -15.19 18.55
CA ALA C 55 -21.63 -15.77 17.32
C ALA C 55 -20.42 -16.24 16.53
N GLU C 56 -20.45 -16.13 15.20
CA GLU C 56 -19.25 -16.46 14.39
C GLU C 56 -18.01 -15.64 14.81
N PRO C 57 -16.83 -16.29 14.85
CA PRO C 57 -15.57 -15.64 15.27
C PRO C 57 -15.03 -14.65 14.22
N VAL C 58 -15.87 -13.69 13.84
CA VAL C 58 -15.54 -12.67 12.83
C VAL C 58 -15.65 -11.23 13.36
N VAL C 59 -14.84 -10.35 12.76
CA VAL C 59 -14.82 -8.93 13.06
C VAL C 59 -15.18 -8.20 11.76
N ARG C 60 -16.07 -7.23 11.87
CA ARG C 60 -16.32 -6.29 10.78
C ARG C 60 -15.57 -5.01 11.06
N TYR C 61 -14.54 -4.75 10.25
CA TYR C 61 -13.73 -3.57 10.44
C TYR C 61 -14.20 -2.50 9.47
N GLU C 62 -14.58 -1.34 10.00
CA GLU C 62 -15.26 -0.33 9.20
C GLU C 62 -14.52 0.97 9.11
N PHE C 63 -14.63 1.60 7.94
CA PHE C 63 -14.23 2.95 7.68
C PHE C 63 -15.49 3.66 7.17
N ILE C 64 -15.90 4.75 7.82
CA ILE C 64 -17.11 5.45 7.38
C ILE C 64 -16.83 6.94 7.18
N ARG C 65 -17.14 7.43 5.97
CA ARG C 65 -17.24 8.85 5.67
C ARG C 65 -18.68 9.27 5.97
N MET C 66 -18.85 10.35 6.72
CA MET C 66 -20.14 10.96 6.97
C MET C 66 -20.14 12.44 6.62
N PRO C 67 -20.27 12.78 5.32
CA PRO C 67 -20.04 14.16 4.89
C PRO C 67 -21.18 15.15 5.27
N ASP C 68 -22.34 14.61 5.66
CA ASP C 68 -23.52 15.41 5.92
C ASP C 68 -24.37 14.81 7.06
N SER C 69 -24.15 15.31 8.28
CA SER C 69 -24.72 14.73 9.50
C SER C 69 -25.27 15.86 10.35
N THR C 70 -26.59 15.83 10.58
CA THR C 70 -27.28 16.91 11.29
C THR C 70 -26.80 17.07 12.72
N GLY C 71 -26.48 18.30 13.08
CA GLY C 71 -26.03 18.58 14.43
C GLY C 71 -24.56 18.26 14.70
N PHE C 72 -23.96 17.42 13.86
CA PHE C 72 -22.56 16.97 14.06
C PHE C 72 -21.58 17.55 13.03
N GLY C 73 -22.03 17.68 11.78
CA GLY C 73 -21.22 18.25 10.73
C GLY C 73 -20.71 17.21 9.75
N ASP C 74 -19.44 17.34 9.41
CA ASP C 74 -18.80 16.57 8.38
C ASP C 74 -17.60 15.86 8.98
N TYR C 75 -17.67 14.52 9.07
CA TYR C 75 -16.59 13.76 9.73
C TYR C 75 -16.43 12.34 9.20
N SER C 76 -15.44 11.63 9.73
CA SER C 76 -15.12 10.25 9.35
C SER C 76 -14.97 9.40 10.61
N GLU C 77 -15.18 8.10 10.47
CA GLU C 77 -15.21 7.15 11.60
C GLU C 77 -14.48 5.86 11.17
N SER C 78 -13.80 5.23 12.11
CA SER C 78 -13.27 3.88 11.94
C SER C 78 -13.65 3.03 13.17
N GLY C 79 -13.84 1.74 12.99
CA GLY C 79 -14.38 0.95 14.07
C GLY C 79 -14.38 -0.55 13.92
N GLN C 80 -14.42 -1.22 15.08
CA GLN C 80 -14.52 -2.66 15.20
C GLN C 80 -15.89 -3.08 15.72
N VAL C 81 -16.59 -3.86 14.92
CA VAL C 81 -17.85 -4.44 15.36
C VAL C 81 -17.92 -5.94 15.13
N ILE C 82 -18.57 -6.58 16.10
CA ILE C 82 -18.54 -8.02 16.26
C ILE C 82 -19.99 -8.55 16.30
N PRO C 83 -20.28 -9.64 15.53
CA PRO C 83 -21.63 -10.23 15.60
C PRO C 83 -21.88 -10.95 16.95
N VAL C 84 -23.06 -10.74 17.53
CA VAL C 84 -23.44 -11.33 18.82
C VAL C 84 -24.92 -11.72 18.80
N THR C 85 -25.34 -12.49 19.79
CA THR C 85 -26.77 -12.68 20.09
C THR C 85 -27.07 -12.25 21.51
N PHE C 86 -28.27 -11.71 21.71
CA PHE C 86 -28.76 -11.31 23.03
C PHE C 86 -30.20 -11.78 23.12
N ARG C 87 -30.47 -12.65 24.10
CA ARG C 87 -31.73 -13.41 24.20
C ARG C 87 -31.98 -14.14 22.87
N GLY C 88 -30.94 -14.76 22.33
CA GLY C 88 -31.04 -15.45 21.04
C GLY C 88 -31.39 -14.57 19.85
N GLU C 89 -31.40 -13.24 20.06
CA GLU C 89 -31.60 -12.29 18.95
C GLU C 89 -30.27 -11.82 18.35
N ARG C 90 -30.18 -11.85 17.02
CA ARG C 90 -28.93 -11.58 16.30
C ARG C 90 -28.71 -10.10 15.98
N GLY C 91 -27.53 -9.61 16.34
CA GLY C 91 -27.13 -8.24 16.06
C GLY C 91 -25.64 -8.02 16.23
N SER C 92 -25.29 -6.81 16.66
CA SER C 92 -23.90 -6.36 16.65
C SER C 92 -23.46 -5.76 17.99
N TYR C 93 -22.17 -5.88 18.26
CA TYR C 93 -21.55 -5.23 19.40
C TYR C 93 -20.36 -4.38 18.95
N THR C 94 -20.36 -3.11 19.34
CA THR C 94 -19.28 -2.20 18.98
C THR C 94 -18.20 -2.18 20.04
N LEU C 95 -17.06 -2.71 19.68
CA LEU C 95 -15.90 -2.75 20.55
C LEU C 95 -15.09 -1.42 20.63
N ALA C 96 -14.89 -0.76 19.49
CA ALA C 96 -14.05 0.44 19.40
C ALA C 96 -14.45 1.26 18.19
N MET C 97 -14.47 2.59 18.36
CA MET C 97 -14.68 3.55 17.30
C MET C 97 -13.71 4.69 17.50
N PHE C 98 -13.40 5.38 16.41
CA PHE C 98 -12.45 6.50 16.39
C PHE C 98 -12.99 7.55 15.45
N LEU C 99 -13.03 8.79 15.93
CA LEU C 99 -13.64 9.91 15.19
C LEU C 99 -12.71 11.10 15.15
N ASP C 100 -12.93 12.02 14.20
CA ASP C 100 -12.13 13.25 14.06
C ASP C 100 -12.95 14.60 14.21
N ASP C 101 -14.03 14.55 15.00
CA ASP C 101 -14.99 15.66 15.16
C ASP C 101 -15.58 15.50 16.56
N GLN C 102 -15.59 16.57 17.35
CA GLN C 102 -15.90 16.46 18.79
C GLN C 102 -17.39 16.31 19.14
N PRO C 103 -18.28 17.14 18.54
CA PRO C 103 -19.71 16.96 18.80
C PRO C 103 -20.24 15.52 18.63
N PRO C 104 -19.87 14.79 17.54
CA PRO C 104 -20.36 13.40 17.47
C PRO C 104 -19.66 12.46 18.46
N LEU C 105 -18.47 12.85 18.91
CA LEU C 105 -17.69 12.05 19.86
C LEU C 105 -18.28 12.14 21.28
N ALA C 106 -18.58 13.37 21.73
CA ALA C 106 -19.21 13.57 23.02
C ALA C 106 -20.65 13.04 22.98
N GLY C 107 -21.38 13.41 21.94
CA GLY C 107 -22.76 12.98 21.74
C GLY C 107 -22.87 11.47 21.74
N GLY C 108 -22.02 10.83 20.95
CA GLY C 108 -21.95 9.37 20.86
C GLY C 108 -21.72 8.67 22.18
N ARG C 109 -20.71 9.14 22.92
CA ARG C 109 -20.41 8.61 24.27
C ARG C 109 -21.54 8.85 25.28
N GLU C 110 -22.03 10.07 25.33
CA GLU C 110 -22.84 10.51 26.44
C GLU C 110 -24.30 10.11 26.28
N LEU C 111 -24.72 9.99 25.01
CA LEU C 111 -26.11 9.71 24.71
C LEU C 111 -26.43 8.23 24.46
N TRP C 112 -25.76 7.57 23.49
CA TRP C 112 -25.99 6.15 23.21
C TRP C 112 -25.01 5.30 24.00
N GLY C 113 -23.83 5.85 24.28
CA GLY C 113 -22.77 5.03 24.82
C GLY C 113 -21.92 4.33 23.77
N PHE C 114 -21.65 5.00 22.67
CA PHE C 114 -20.68 4.48 21.72
C PHE C 114 -19.33 4.63 22.38
N PRO C 115 -18.48 3.65 22.26
CA PRO C 115 -17.17 3.66 22.87
C PRO C 115 -16.13 4.53 22.12
N LYS C 116 -16.49 5.76 21.77
CA LYS C 116 -15.66 6.59 20.92
C LYS C 116 -14.37 7.12 21.57
N LYS C 117 -13.29 7.07 20.81
CA LYS C 117 -12.03 7.73 21.10
C LYS C 117 -11.63 8.64 19.92
N ALA C 118 -10.63 9.47 20.05
CA ALA C 118 -10.22 10.33 18.94
C ALA C 118 -9.19 9.68 18.00
N GLY C 119 -9.24 10.00 16.72
CA GLY C 119 -8.34 9.39 15.75
C GLY C 119 -8.52 10.11 14.45
N LYS C 120 -7.74 9.72 13.44
CA LYS C 120 -7.81 10.31 12.10
C LYS C 120 -8.16 9.21 11.10
N PRO C 121 -9.48 8.95 10.90
CA PRO C 121 -9.94 8.05 9.85
C PRO C 121 -9.95 8.75 8.49
N ARG C 122 -9.61 8.02 7.43
CA ARG C 122 -9.78 8.54 6.08
C ARG C 122 -10.32 7.44 5.17
N LEU C 123 -11.16 7.79 4.21
CA LEU C 123 -11.65 6.84 3.24
C LEU C 123 -11.71 7.53 1.88
N GLU C 124 -10.88 7.06 0.95
CA GLU C 124 -10.64 7.75 -0.31
C GLU C 124 -10.34 6.78 -1.46
N VAL C 125 -10.78 7.12 -2.66
CA VAL C 125 -10.41 6.40 -3.87
C VAL C 125 -9.10 6.95 -4.42
N HIS C 126 -8.13 6.06 -4.61
CA HIS C 126 -6.87 6.44 -5.23
C HIS C 126 -6.74 5.71 -6.57
N GLN C 127 -7.22 6.38 -7.63
CA GLN C 127 -7.22 5.80 -8.96
C GLN C 127 -8.07 4.53 -9.02
N ASP C 128 -7.47 3.37 -8.78
CA ASP C 128 -8.23 2.13 -8.92
C ASP C 128 -8.69 1.50 -7.60
N THR C 129 -8.23 2.05 -6.47
CA THR C 129 -8.39 1.43 -5.16
C THR C 129 -9.12 2.34 -4.17
N LEU C 130 -10.08 1.77 -3.45
CA LEU C 130 -10.68 2.39 -2.26
C LEU C 130 -9.76 2.13 -1.04
N VAL C 131 -9.12 3.18 -0.51
CA VAL C 131 -8.17 3.04 0.61
C VAL C 131 -8.80 3.54 1.92
N GLY C 132 -8.96 2.66 2.92
CA GLY C 132 -9.39 3.11 4.25
C GLY C 132 -8.16 3.16 5.14
N SER C 133 -7.95 4.25 5.88
CA SER C 133 -6.87 4.26 6.85
C SER C 133 -7.31 4.81 8.23
N LEU C 134 -6.65 4.37 9.29
CA LEU C 134 -6.81 4.98 10.60
C LEU C 134 -5.46 5.34 11.28
N ASP C 135 -5.23 6.61 11.58
CA ASP C 135 -4.08 6.97 12.41
C ASP C 135 -4.57 7.34 13.79
N PHE C 136 -3.78 6.97 14.80
CA PHE C 136 -3.96 7.42 16.15
C PHE C 136 -2.71 8.27 16.49
N GLY C 137 -2.86 9.59 16.49
CA GLY C 137 -1.69 10.49 16.48
C GLY C 137 -0.76 10.11 15.32
N PRO C 138 0.56 9.95 15.57
CA PRO C 138 1.45 9.63 14.45
C PRO C 138 1.58 8.14 14.07
N VAL C 139 0.73 7.29 14.58
CA VAL C 139 0.92 5.87 14.34
C VAL C 139 -0.26 5.36 13.52
N ARG C 140 0.02 4.78 12.36
CA ARG C 140 -1.03 4.13 11.55
C ARG C 140 -1.40 2.83 12.25
N ILE C 141 -2.68 2.64 12.55
CA ILE C 141 -3.11 1.44 13.25
C ILE C 141 -4.02 0.53 12.40
N ALA C 142 -4.52 1.05 11.28
CA ALA C 142 -5.36 0.24 10.35
C ALA C 142 -5.25 0.73 8.94
N THR C 143 -5.06 -0.20 8.00
CA THR C 143 -5.09 0.09 6.56
C THR C 143 -5.94 -0.95 5.83
N GLY C 144 -7.05 -0.48 5.26
CA GLY C 144 -7.94 -1.34 4.48
C GLY C 144 -7.90 -0.93 3.03
N THR C 145 -8.04 -1.90 2.12
CA THR C 145 -8.15 -1.61 0.66
C THR C 145 -9.26 -2.47 0.05
N MET C 146 -9.82 -2.02 -1.07
CA MET C 146 -10.81 -2.80 -1.82
C MET C 146 -10.60 -2.38 -3.25
N GLY C 147 -10.92 -3.29 -4.17
CA GLY C 147 -11.17 -2.87 -5.55
C GLY C 147 -12.40 -1.97 -5.62
N TYR C 148 -12.54 -1.27 -6.74
CA TYR C 148 -13.63 -0.31 -6.96
C TYR C 148 -14.86 -0.88 -7.68
N LYS C 149 -15.93 -1.14 -6.90
CA LYS C 149 -17.23 -1.48 -7.44
C LYS C 149 -17.23 -2.63 -8.48
N TYR C 150 -16.50 -3.70 -8.15
CA TYR C 150 -16.41 -4.92 -8.98
C TYR C 150 -17.75 -5.56 -9.33
N GLU C 151 -18.60 -5.74 -8.31
CA GLU C 151 -19.90 -6.37 -8.46
C GLU C 151 -20.92 -5.66 -7.57
N ALA C 152 -22.16 -5.59 -8.04
CA ALA C 152 -23.27 -5.12 -7.23
C ALA C 152 -23.51 -6.09 -6.07
N LEU C 153 -23.84 -5.51 -4.93
CA LEU C 153 -24.12 -6.26 -3.69
C LEU C 153 -25.63 -6.44 -3.52
N ASP C 154 -26.03 -7.56 -2.93
CA ASP C 154 -27.46 -7.86 -2.73
C ASP C 154 -28.07 -6.90 -1.71
N ARG C 155 -29.04 -6.09 -2.15
CA ARG C 155 -29.65 -5.06 -1.30
C ARG C 155 -30.42 -5.71 -0.17
N SER C 156 -31.06 -6.84 -0.44
CA SER C 156 -31.81 -7.57 0.58
C SER C 156 -31.00 -7.83 1.83
N ALA C 157 -29.89 -8.54 1.66
CA ALA C 157 -29.02 -8.89 2.76
C ALA C 157 -28.53 -7.62 3.45
N LEU C 158 -28.19 -6.61 2.65
CA LEU C 158 -27.67 -5.35 3.17
C LEU C 158 -28.71 -4.64 4.06
N LEU C 159 -29.92 -4.49 3.54
CA LEU C 159 -31.00 -3.81 4.26
C LEU C 159 -31.41 -4.58 5.51
N ALA C 160 -31.37 -5.91 5.44
CA ALA C 160 -31.64 -6.74 6.62
C ALA C 160 -30.54 -6.56 7.68
N SER C 161 -29.31 -6.32 7.24
CA SER C 161 -28.15 -6.14 8.13
C SER C 161 -28.21 -4.79 8.85
N LEU C 162 -28.57 -3.75 8.10
CA LEU C 162 -28.74 -2.41 8.66
C LEU C 162 -29.97 -2.29 9.58
N ALA C 163 -30.85 -3.30 9.52
CA ALA C 163 -32.08 -3.36 10.31
C ALA C 163 -31.89 -4.07 11.64
N GLU C 164 -30.82 -4.85 11.74
CA GLU C 164 -30.50 -5.62 12.95
C GLU C 164 -30.24 -4.73 14.16
N PRO C 165 -30.56 -5.23 15.35
CA PRO C 165 -30.25 -4.47 16.56
C PRO C 165 -28.75 -4.25 16.74
N ASN C 166 -28.41 -3.05 17.18
CA ASN C 166 -27.05 -2.68 17.54
C ASN C 166 -26.95 -2.49 19.05
N PHE C 167 -26.06 -3.25 19.69
CA PHE C 167 -25.89 -3.19 21.14
C PHE C 167 -24.61 -2.44 21.53
N LEU C 168 -24.63 -1.75 22.67
CA LEU C 168 -23.49 -0.97 23.16
C LEU C 168 -23.45 -1.06 24.68
N LEU C 169 -22.25 -1.12 25.26
CA LEU C 169 -22.11 -1.02 26.71
C LEU C 169 -21.82 0.41 27.17
N LYS C 170 -22.90 1.14 27.49
CA LYS C 170 -22.80 2.48 28.08
C LYS C 170 -22.31 2.44 29.55
N ILE C 171 -21.14 3.03 29.80
CA ILE C 171 -20.58 3.23 31.13
C ILE C 171 -20.29 4.72 31.33
N ILE C 172 -20.75 5.27 32.46
CA ILE C 172 -20.43 6.63 32.89
C ILE C 172 -20.09 6.59 34.38
N PRO C 173 -18.88 7.03 34.75
CA PRO C 173 -18.50 7.10 36.16
C PRO C 173 -19.27 8.16 36.93
N HIS C 174 -19.39 7.93 38.23
CA HIS C 174 -19.97 8.93 39.14
C HIS C 174 -18.79 9.79 39.53
N VAL C 175 -19.07 10.98 40.08
CA VAL C 175 -17.99 11.90 40.47
C VAL C 175 -16.87 11.22 41.28
N ASP C 176 -17.18 10.09 41.90
CA ASP C 176 -16.24 9.35 42.77
C ASP C 176 -15.46 8.23 42.06
N GLY C 177 -15.77 8.00 40.79
CA GLY C 177 -15.08 7.01 39.99
C GLY C 177 -15.79 5.69 39.83
N SER C 178 -16.82 5.46 40.65
CA SER C 178 -17.58 4.22 40.56
C SER C 178 -18.72 4.40 39.55
N PRO C 179 -19.09 3.33 38.83
CA PRO C 179 -20.14 3.42 37.80
C PRO C 179 -21.44 4.01 38.28
N ARG C 180 -21.87 5.05 37.57
CA ARG C 180 -23.16 5.69 37.76
C ARG C 180 -24.16 5.19 36.69
N ILE C 181 -23.69 5.12 35.44
CA ILE C 181 -24.41 4.43 34.38
C ILE C 181 -23.59 3.20 34.00
N CYS C 182 -24.27 2.08 33.76
CA CYS C 182 -23.60 0.88 33.29
C CYS C 182 -24.65 -0.09 32.80
N GLU C 183 -25.02 0.10 31.53
CA GLU C 183 -26.09 -0.66 30.91
C GLU C 183 -25.72 -1.15 29.52
N LEU C 184 -26.41 -2.21 29.09
CA LEU C 184 -26.53 -2.57 27.68
C LEU C 184 -27.64 -1.74 27.02
N VAL C 185 -27.27 -1.09 25.91
CA VAL C 185 -28.15 -0.24 25.11
C VAL C 185 -28.33 -0.86 23.70
N ARG C 186 -29.57 -0.85 23.22
CA ARG C 186 -29.92 -1.29 21.88
C ARG C 186 -30.38 -0.08 21.08
N TYR C 187 -29.83 0.08 19.88
CA TYR C 187 -30.29 1.14 18.97
C TYR C 187 -30.35 0.61 17.52
N HIS C 188 -31.04 1.36 16.68
CA HIS C 188 -31.25 0.98 15.32
C HIS C 188 -30.93 2.15 14.42
N THR C 189 -30.59 1.83 13.18
CA THR C 189 -30.55 2.84 12.14
C THR C 189 -31.78 2.60 11.28
N THR C 190 -32.59 3.63 11.11
CA THR C 190 -33.83 3.48 10.39
C THR C 190 -33.92 4.47 9.22
N ASP C 191 -35.05 4.47 8.51
CA ASP C 191 -35.24 5.26 7.29
C ASP C 191 -34.04 5.08 6.37
N VAL C 192 -33.58 3.84 6.24
CA VAL C 192 -32.41 3.51 5.44
C VAL C 192 -32.77 3.63 3.94
N ALA C 193 -32.03 4.47 3.21
CA ALA C 193 -32.11 4.47 1.76
C ALA C 193 -30.73 4.19 1.15
N ILE C 194 -30.52 2.99 0.58
CA ILE C 194 -29.29 2.69 -0.14
C ILE C 194 -29.22 3.47 -1.45
N LYS C 195 -28.08 4.08 -1.71
CA LYS C 195 -27.85 4.78 -2.97
C LYS C 195 -27.02 3.90 -3.91
N GLY C 196 -26.25 2.98 -3.34
CA GLY C 196 -25.43 2.05 -4.12
C GLY C 196 -24.71 1.12 -3.19
N ALA C 197 -24.37 -0.08 -3.65
CA ALA C 197 -23.72 -1.07 -2.78
C ALA C 197 -22.99 -2.09 -3.64
N TRP C 198 -21.75 -2.41 -3.27
CA TRP C 198 -20.87 -3.23 -4.14
C TRP C 198 -19.96 -4.10 -3.32
N SER C 199 -19.42 -5.12 -3.96
CA SER C 199 -18.30 -5.85 -3.37
C SER C 199 -17.11 -5.86 -4.35
N ALA C 200 -15.95 -6.22 -3.82
CA ALA C 200 -14.69 -6.27 -4.54
C ALA C 200 -13.76 -7.05 -3.65
N PRO C 201 -12.59 -7.48 -4.18
CA PRO C 201 -11.56 -8.04 -3.30
C PRO C 201 -11.12 -6.95 -2.31
N GLY C 202 -10.70 -7.37 -1.12
CA GLY C 202 -10.38 -6.41 -0.06
C GLY C 202 -9.18 -6.88 0.75
N SER C 203 -8.60 -5.97 1.54
CA SER C 203 -7.48 -6.32 2.40
C SER C 203 -7.52 -5.51 3.68
N LEU C 204 -7.01 -6.09 4.76
CA LEU C 204 -6.81 -5.36 6.00
C LEU C 204 -5.46 -5.67 6.66
N GLU C 205 -4.77 -4.62 7.11
CA GLU C 205 -3.69 -4.76 8.07
C GLU C 205 -3.91 -3.86 9.32
N LEU C 206 -3.78 -4.47 10.49
CA LEU C 206 -3.85 -3.77 11.78
C LEU C 206 -2.47 -3.61 12.44
N HIS C 207 -2.29 -2.54 13.20
CA HIS C 207 -1.02 -2.36 13.95
C HIS C 207 -1.26 -2.12 15.44
N PRO C 208 -0.34 -2.62 16.30
CA PRO C 208 -0.53 -2.46 17.76
C PRO C 208 -0.46 -1.02 18.24
N HIS C 209 -1.21 -0.72 19.31
CA HIS C 209 -1.16 0.59 19.96
C HIS C 209 -1.75 0.44 21.38
N ALA C 210 -1.06 1.04 22.35
CA ALA C 210 -1.42 0.91 23.76
C ALA C 210 -2.82 1.44 24.05
N LEU C 211 -3.21 2.53 23.39
CA LEU C 211 -4.47 3.23 23.66
C LEU C 211 -5.61 2.97 22.63
N ALA C 212 -5.31 2.14 21.64
CA ALA C 212 -6.19 1.90 20.50
C ALA C 212 -5.94 0.47 20.03
N PRO C 213 -6.22 -0.52 20.90
CA PRO C 213 -5.86 -1.94 20.68
C PRO C 213 -6.71 -2.71 19.67
N VAL C 214 -7.00 -2.12 18.51
CA VAL C 214 -7.68 -2.87 17.45
C VAL C 214 -6.93 -4.17 17.08
N ALA C 215 -5.59 -4.12 17.10
CA ALA C 215 -4.75 -5.27 16.71
C ALA C 215 -4.94 -6.49 17.60
N ALA C 216 -5.63 -6.31 18.73
CA ALA C 216 -5.88 -7.36 19.73
C ALA C 216 -6.83 -8.43 19.23
N LEU C 217 -7.56 -8.14 18.16
CA LEU C 217 -8.31 -9.17 17.44
C LEU C 217 -7.67 -9.33 16.06
N PRO C 218 -6.70 -10.28 15.94
CA PRO C 218 -5.83 -10.35 14.74
C PRO C 218 -6.52 -10.80 13.46
N VAL C 219 -6.00 -10.31 12.33
CA VAL C 219 -6.59 -10.61 11.02
C VAL C 219 -6.03 -11.96 10.55
N LEU C 220 -6.78 -13.03 10.84
CA LEU C 220 -6.32 -14.37 10.41
C LEU C 220 -6.62 -14.58 8.92
N GLU C 221 -7.85 -14.25 8.53
CA GLU C 221 -8.31 -14.43 7.16
C GLU C 221 -9.36 -13.37 6.86
N VAL C 222 -9.12 -12.55 5.84
CA VAL C 222 -10.15 -11.64 5.33
C VAL C 222 -11.21 -12.45 4.57
N LEU C 223 -12.47 -12.28 4.96
CA LEU C 223 -13.56 -13.09 4.41
C LEU C 223 -14.29 -12.37 3.29
N SER C 224 -14.59 -11.09 3.49
CA SER C 224 -15.20 -10.27 2.45
C SER C 224 -14.97 -8.78 2.66
N ALA C 225 -15.29 -8.01 1.62
CA ALA C 225 -15.22 -6.56 1.64
C ALA C 225 -16.47 -6.04 0.93
N ARG C 226 -17.17 -5.11 1.57
CA ARG C 226 -18.37 -4.47 1.01
C ARG C 226 -18.16 -2.95 1.07
N HIS C 227 -18.68 -2.25 0.07
CA HIS C 227 -18.62 -0.82 -0.03
C HIS C 227 -20.05 -0.37 -0.32
N PHE C 228 -20.57 0.61 0.41
CA PHE C 228 -21.92 1.11 0.14
C PHE C 228 -22.16 2.55 0.57
N VAL C 229 -23.11 3.20 -0.09
CA VAL C 229 -23.48 4.58 0.17
C VAL C 229 -24.99 4.61 0.51
N CYS C 230 -25.36 5.28 1.60
CA CYS C 230 -26.78 5.37 2.04
C CYS C 230 -27.13 6.60 2.85
N ASP C 231 -28.42 6.95 2.86
CA ASP C 231 -28.98 7.88 3.85
C ASP C 231 -29.59 7.09 4.98
N LEU C 232 -29.46 7.60 6.20
CA LEU C 232 -30.15 6.95 7.29
C LEU C 232 -30.41 7.83 8.52
N THR C 233 -31.25 7.32 9.42
CA THR C 233 -31.49 8.01 10.68
C THR C 233 -30.95 7.18 11.84
N LEU C 234 -30.07 7.79 12.63
CA LEU C 234 -29.53 7.16 13.80
C LEU C 234 -30.50 7.39 14.97
N ASP C 235 -31.36 6.40 15.24
CA ASP C 235 -32.39 6.50 16.30
C ASP C 235 -31.82 6.42 17.71
N LEU C 236 -32.53 7.04 18.66
CA LEU C 236 -32.15 6.94 20.07
C LEU C 236 -32.17 5.50 20.56
N GLY C 237 -31.28 5.19 21.50
CA GLY C 237 -31.21 3.85 22.07
C GLY C 237 -32.29 3.63 23.11
N THR C 238 -32.42 2.38 23.56
CA THR C 238 -33.21 2.02 24.72
C THR C 238 -32.36 1.06 25.54
N VAL C 239 -32.48 1.10 26.86
CA VAL C 239 -31.73 0.22 27.75
C VAL C 239 -32.39 -1.17 27.70
N VAL C 240 -31.62 -2.21 27.35
CA VAL C 240 -32.17 -3.57 27.31
C VAL C 240 -31.67 -4.43 28.48
N PHE C 241 -30.63 -3.96 29.16
CA PHE C 241 -30.09 -4.62 30.34
C PHE C 241 -29.36 -3.59 31.19
N ASP C 242 -29.65 -3.57 32.48
CA ASP C 242 -28.98 -2.65 33.39
C ASP C 242 -28.17 -3.40 34.45
N TYR C 243 -26.86 -3.21 34.45
CA TYR C 243 -25.99 -3.93 35.39
C TYR C 243 -26.18 -3.47 36.84
N LEU C 244 -26.80 -2.32 37.06
CA LEU C 244 -26.89 -1.75 38.39
C LEU C 244 -28.24 -2.01 39.07
N MET D 1 57.38 15.48 19.11
CA MET D 1 56.66 14.91 20.30
C MET D 1 57.15 13.49 20.61
N LYS D 2 57.94 13.38 21.68
CA LYS D 2 58.66 12.14 22.03
C LYS D 2 57.68 11.02 22.36
N GLN D 3 58.16 9.79 22.23
CA GLN D 3 57.29 8.63 22.32
C GLN D 3 56.80 8.28 23.74
N GLN D 4 57.30 8.96 24.76
CA GLN D 4 56.73 8.79 26.11
C GLN D 4 55.52 9.68 26.32
N GLU D 5 55.55 10.87 25.73
CA GLU D 5 54.39 11.78 25.75
C GLU D 5 53.21 11.20 24.95
N VAL D 6 53.53 10.53 23.83
CA VAL D 6 52.54 9.83 23.02
C VAL D 6 51.81 8.79 23.87
N ARG D 7 52.56 8.08 24.71
CA ARG D 7 52.00 6.99 25.51
C ARG D 7 51.22 7.49 26.72
N GLN D 8 51.54 8.68 27.20
CA GLN D 8 50.84 9.31 28.32
C GLN D 8 49.52 9.93 27.87
N ARG D 9 49.59 10.79 26.87
CA ARG D 9 48.42 11.43 26.27
C ARG D 9 47.39 10.50 25.65
N ALA D 10 47.82 9.32 25.17
CA ALA D 10 46.96 8.42 24.42
C ALA D 10 45.75 7.98 25.22
N PHE D 11 44.56 8.31 24.70
CA PHE D 11 43.28 7.88 25.26
C PHE D 11 42.38 7.37 24.10
N ALA D 12 41.98 8.27 23.20
CA ALA D 12 41.26 7.88 21.97
C ALA D 12 41.80 8.60 20.75
N MET D 13 41.69 8.01 19.57
CA MET D 13 42.06 8.67 18.30
C MET D 13 41.08 9.78 17.93
N PRO D 14 41.56 10.84 17.26
CA PRO D 14 42.97 11.19 17.06
C PRO D 14 43.66 11.68 18.35
N LEU D 15 44.94 11.33 18.50
CA LEU D 15 45.72 11.60 19.72
C LEU D 15 45.57 13.02 20.27
N THR D 16 45.67 14.01 19.39
CA THR D 16 45.71 15.43 19.79
C THR D 16 44.34 16.12 19.86
N SER D 17 43.29 15.37 19.52
CA SER D 17 41.90 15.87 19.49
C SER D 17 40.92 14.67 19.56
N PRO D 18 40.90 13.95 20.69
CA PRO D 18 40.18 12.65 20.76
C PRO D 18 38.68 12.69 20.39
N ALA D 19 38.18 11.63 19.74
CA ALA D 19 36.79 11.56 19.25
C ALA D 19 35.77 11.69 20.37
N PHE D 20 36.21 11.43 21.60
CA PHE D 20 35.42 11.54 22.83
C PHE D 20 36.39 11.76 24.00
N PRO D 21 35.95 12.49 25.06
CA PRO D 21 36.77 12.75 26.26
C PRO D 21 36.58 11.68 27.37
N PRO D 22 37.56 11.59 28.31
CA PRO D 22 37.41 10.75 29.51
C PRO D 22 36.31 11.28 30.41
N GLY D 23 35.79 10.43 31.29
CA GLY D 23 34.72 10.83 32.19
C GLY D 23 35.10 11.65 33.43
N PRO D 24 34.28 11.56 34.49
CA PRO D 24 33.09 10.68 34.53
C PRO D 24 31.97 11.13 33.58
N TYR D 25 31.25 10.15 33.04
CA TYR D 25 30.12 10.37 32.15
C TYR D 25 28.82 10.52 32.94
N ARG D 26 28.47 11.78 33.22
CA ARG D 26 27.27 12.06 33.99
C ARG D 26 26.07 12.26 33.05
N PHE D 27 24.91 11.79 33.48
CA PHE D 27 23.67 11.84 32.72
C PHE D 27 22.55 12.47 33.55
N VAL D 28 21.99 13.57 33.06
CA VAL D 28 20.88 14.27 33.75
C VAL D 28 19.61 14.24 32.92
N ASN D 29 18.51 13.84 33.58
CA ASN D 29 17.16 13.74 32.99
C ASN D 29 17.12 12.76 31.82
N ARG D 30 17.85 11.67 32.00
CA ARG D 30 17.84 10.51 31.14
C ARG D 30 16.46 9.91 31.21
N GLU D 31 15.78 9.84 30.07
CA GLU D 31 14.39 9.39 30.05
C GLU D 31 14.22 8.09 29.28
N TYR D 32 13.56 7.12 29.93
CA TYR D 32 13.45 5.76 29.44
C TYR D 32 12.01 5.44 29.10
N MET D 33 11.82 4.74 27.99
CA MET D 33 10.60 3.98 27.75
C MET D 33 11.11 2.56 27.48
N ILE D 34 10.67 1.60 28.28
CA ILE D 34 11.14 0.23 28.12
C ILE D 34 9.94 -0.66 27.96
N ILE D 35 9.89 -1.39 26.86
CA ILE D 35 8.78 -2.33 26.59
C ILE D 35 9.35 -3.72 26.71
N THR D 36 8.81 -4.49 27.64
CA THR D 36 9.26 -5.87 27.85
C THR D 36 8.34 -6.87 27.15
N TYR D 37 8.95 -7.78 26.42
CA TYR D 37 8.17 -8.74 25.64
C TYR D 37 8.75 -10.14 25.66
N ARG D 38 7.85 -11.12 25.57
CA ARG D 38 8.22 -12.50 25.59
C ARG D 38 8.49 -12.89 24.17
N THR D 39 9.64 -13.52 23.98
CA THR D 39 10.13 -13.90 22.67
C THR D 39 10.38 -15.41 22.60
N ASP D 40 10.81 -15.90 21.43
CA ASP D 40 11.13 -17.31 21.26
C ASP D 40 12.45 -17.59 21.96
N PRO D 41 12.47 -18.54 22.94
CA PRO D 41 13.70 -18.85 23.68
C PRO D 41 14.86 -19.28 22.75
N ALA D 42 14.52 -20.00 21.69
CA ALA D 42 15.48 -20.40 20.65
C ALA D 42 16.19 -19.21 19.98
N ALA D 43 15.48 -18.09 19.82
CA ALA D 43 16.05 -16.90 19.20
C ALA D 43 17.08 -16.28 20.12
N ILE D 44 16.83 -16.36 21.43
CA ILE D 44 17.77 -15.85 22.44
C ILE D 44 19.05 -16.69 22.50
N GLU D 45 18.93 -18.00 22.30
CA GLU D 45 20.10 -18.89 22.44
C GLU D 45 21.03 -18.82 21.25
N ALA D 46 20.45 -18.52 20.09
CA ALA D 46 21.20 -18.26 18.87
C ALA D 46 22.25 -17.12 18.99
N VAL D 47 22.01 -16.19 19.92
CA VAL D 47 22.77 -14.94 19.97
C VAL D 47 23.50 -14.72 21.28
N LEU D 48 23.22 -15.55 22.27
CA LEU D 48 23.84 -15.41 23.60
C LEU D 48 25.18 -16.15 23.69
N PRO D 49 26.27 -15.40 23.93
CA PRO D 49 27.60 -15.99 23.96
C PRO D 49 27.93 -16.57 25.34
N GLU D 50 28.22 -17.87 25.40
CA GLU D 50 28.69 -18.47 26.65
C GLU D 50 30.03 -17.79 27.05
N PRO D 51 30.31 -17.66 28.37
CA PRO D 51 29.69 -18.25 29.56
C PRO D 51 28.40 -17.57 30.04
N LEU D 52 27.90 -16.58 29.29
CA LEU D 52 26.58 -16.00 29.59
C LEU D 52 25.50 -17.06 29.49
N GLN D 53 24.61 -17.05 30.48
CA GLN D 53 23.47 -17.96 30.46
C GLN D 53 22.12 -17.27 30.53
N MET D 54 21.21 -17.83 29.75
CA MET D 54 19.88 -17.34 29.57
C MET D 54 19.04 -17.45 30.84
N ALA D 55 18.24 -16.42 31.11
CA ALA D 55 17.23 -16.42 32.16
C ALA D 55 15.83 -16.65 31.58
N GLU D 56 14.87 -15.80 31.98
CA GLU D 56 13.51 -15.79 31.40
C GLU D 56 13.57 -15.38 29.92
N PRO D 57 12.68 -15.94 29.08
CA PRO D 57 12.82 -15.64 27.65
C PRO D 57 12.18 -14.28 27.25
N VAL D 58 12.69 -13.19 27.81
CA VAL D 58 12.11 -11.86 27.54
C VAL D 58 13.14 -10.88 26.99
N VAL D 59 12.64 -9.94 26.19
CA VAL D 59 13.45 -8.83 25.70
C VAL D 59 12.89 -7.56 26.30
N ARG D 60 13.78 -6.72 26.81
CA ARG D 60 13.46 -5.37 27.19
C ARG D 60 13.89 -4.47 26.01
N TYR D 61 12.90 -4.06 25.21
CA TYR D 61 13.16 -3.13 24.12
C TYR D 61 13.10 -1.70 24.64
N GLU D 62 14.19 -0.94 24.50
CA GLU D 62 14.26 0.38 25.12
C GLU D 62 14.36 1.53 24.12
N PHE D 63 13.77 2.66 24.48
CA PHE D 63 13.99 3.95 23.82
C PHE D 63 14.44 4.90 24.91
N ILE D 64 15.57 5.60 24.73
CA ILE D 64 16.12 6.48 25.75
C ILE D 64 16.44 7.90 25.23
N ARG D 65 15.94 8.93 25.92
CA ARG D 65 16.36 10.32 25.69
C ARG D 65 17.50 10.69 26.65
N MET D 66 18.60 11.21 26.11
CA MET D 66 19.75 11.65 26.89
C MET D 66 20.12 13.13 26.57
N PRO D 67 19.23 14.10 26.94
CA PRO D 67 19.41 15.50 26.51
C PRO D 67 20.61 16.24 27.13
N ASP D 68 21.27 15.61 28.10
CA ASP D 68 22.29 16.28 28.90
C ASP D 68 23.32 15.22 29.38
N SER D 69 24.41 15.09 28.61
CA SER D 69 25.42 14.04 28.80
C SER D 69 26.80 14.65 28.72
N THR D 70 27.61 14.48 29.77
CA THR D 70 28.94 15.10 29.84
C THR D 70 29.78 14.50 28.74
N GLY D 71 30.47 15.35 27.97
CA GLY D 71 31.38 14.87 26.92
C GLY D 71 30.75 14.37 25.62
N PHE D 72 29.45 14.05 25.68
CA PHE D 72 28.76 13.43 24.54
C PHE D 72 27.75 14.36 23.89
N GLY D 73 27.10 15.18 24.70
CA GLY D 73 26.17 16.15 24.17
C GLY D 73 24.74 15.75 24.43
N ASP D 74 23.92 15.84 23.39
CA ASP D 74 22.49 15.68 23.49
C ASP D 74 22.01 14.71 22.41
N TYR D 75 21.57 13.52 22.85
CA TYR D 75 21.29 12.46 21.90
C TYR D 75 20.22 11.50 22.34
N SER D 76 19.90 10.57 21.46
CA SER D 76 18.93 9.51 21.76
C SER D 76 19.48 8.15 21.34
N GLU D 77 18.83 7.10 21.84
CA GLU D 77 19.32 5.72 21.75
C GLU D 77 18.08 4.83 21.70
N SER D 78 18.18 3.72 21.00
CA SER D 78 17.17 2.69 21.11
C SER D 78 17.93 1.40 21.00
N GLY D 79 17.44 0.36 21.68
CA GLY D 79 18.15 -0.91 21.63
C GLY D 79 17.50 -2.03 22.38
N GLN D 80 18.20 -3.15 22.37
CA GLN D 80 17.62 -4.43 22.73
C GLN D 80 18.47 -5.06 23.85
N VAL D 81 17.86 -5.22 25.03
CA VAL D 81 18.56 -5.76 26.20
C VAL D 81 17.86 -7.07 26.62
N ILE D 82 18.65 -8.05 27.07
CA ILE D 82 18.07 -9.32 27.58
C ILE D 82 18.56 -9.70 29.00
N PRO D 83 17.66 -10.32 29.81
CA PRO D 83 18.07 -10.84 31.12
C PRO D 83 18.97 -12.06 30.98
N VAL D 84 20.01 -12.09 31.82
CA VAL D 84 21.08 -13.05 31.72
C VAL D 84 21.60 -13.41 33.14
N THR D 85 22.31 -14.53 33.26
CA THR D 85 23.18 -14.76 34.43
C THR D 85 24.60 -15.09 33.98
N PHE D 86 25.57 -14.62 34.77
CA PHE D 86 26.96 -15.00 34.65
C PHE D 86 27.50 -15.41 36.04
N ARG D 87 28.03 -16.63 36.14
CA ARG D 87 28.37 -17.28 37.42
C ARG D 87 27.18 -17.22 38.41
N GLY D 88 25.98 -17.52 37.90
CA GLY D 88 24.73 -17.40 38.67
C GLY D 88 24.39 -16.03 39.25
N GLU D 89 25.07 -14.98 38.79
CA GLU D 89 24.64 -13.62 39.10
C GLU D 89 23.72 -13.15 37.97
N ARG D 90 22.61 -12.53 38.36
CA ARG D 90 21.64 -11.97 37.42
C ARG D 90 22.12 -10.61 36.92
N GLY D 91 21.96 -10.38 35.62
CA GLY D 91 22.23 -9.06 35.04
C GLY D 91 21.60 -8.93 33.66
N SER D 92 22.03 -7.91 32.93
CA SER D 92 21.54 -7.70 31.56
C SER D 92 22.63 -8.00 30.53
N TYR D 93 22.22 -8.40 29.32
CA TYR D 93 23.13 -8.41 28.17
C TYR D 93 22.59 -7.51 27.04
N THR D 94 23.38 -6.52 26.64
CA THR D 94 23.05 -5.68 25.48
C THR D 94 23.34 -6.34 24.12
N LEU D 95 22.26 -6.65 23.42
CA LEU D 95 22.34 -7.26 22.10
C LEU D 95 22.57 -6.25 20.93
N ALA D 96 21.90 -5.09 20.97
CA ALA D 96 22.00 -4.04 19.94
C ALA D 96 21.60 -2.69 20.50
N MET D 97 22.32 -1.65 20.08
CA MET D 97 21.95 -0.26 20.32
C MET D 97 22.14 0.58 19.08
N PHE D 98 21.44 1.71 19.04
CA PHE D 98 21.42 2.61 17.88
C PHE D 98 21.32 4.04 18.39
N LEU D 99 22.26 4.89 17.97
CA LEU D 99 22.38 6.30 18.42
C LEU D 99 22.51 7.26 17.24
N ASP D 100 22.06 8.49 17.42
CA ASP D 100 22.20 9.58 16.46
C ASP D 100 23.31 10.64 16.76
N ASP D 101 24.35 10.27 17.52
CA ASP D 101 25.41 11.22 17.92
C ASP D 101 26.72 10.42 17.92
N GLN D 102 27.78 10.95 17.28
CA GLN D 102 28.98 10.14 17.07
C GLN D 102 29.86 9.93 18.32
N PRO D 103 30.19 11.00 19.07
CA PRO D 103 31.05 10.74 20.23
C PRO D 103 30.55 9.61 21.16
N PRO D 104 29.25 9.60 21.56
CA PRO D 104 28.81 8.45 22.37
C PRO D 104 28.90 7.13 21.63
N LEU D 105 28.84 7.18 20.31
CA LEU D 105 28.88 5.99 19.48
C LEU D 105 30.29 5.40 19.51
N ALA D 106 31.31 6.18 19.13
CA ALA D 106 32.71 5.71 19.20
C ALA D 106 33.05 5.36 20.65
N GLY D 107 32.79 6.30 21.55
CA GLY D 107 32.99 6.11 22.99
C GLY D 107 32.40 4.78 23.43
N GLY D 108 31.10 4.61 23.22
CA GLY D 108 30.42 3.39 23.62
C GLY D 108 31.14 2.14 23.22
N ARG D 109 31.54 2.07 21.94
CA ARG D 109 32.19 0.91 21.35
C ARG D 109 33.64 0.71 21.81
N GLU D 110 34.44 1.76 21.71
CA GLU D 110 35.86 1.65 21.93
C GLU D 110 36.23 1.43 23.41
N LEU D 111 35.41 1.98 24.30
CA LEU D 111 35.68 1.98 25.73
C LEU D 111 35.02 0.78 26.44
N TRP D 112 33.68 0.75 26.50
CA TRP D 112 32.94 -0.34 27.16
C TRP D 112 32.70 -1.56 26.29
N GLY D 113 32.63 -1.34 24.97
CA GLY D 113 32.24 -2.40 24.05
C GLY D 113 30.73 -2.54 23.93
N PHE D 114 30.03 -1.42 24.04
CA PHE D 114 28.62 -1.31 23.69
C PHE D 114 28.47 -1.62 22.21
N PRO D 115 27.45 -2.36 21.82
CA PRO D 115 27.33 -2.79 20.43
C PRO D 115 26.59 -1.78 19.54
N LYS D 116 27.13 -0.60 19.45
CA LYS D 116 26.42 0.50 18.87
C LYS D 116 26.55 0.56 17.35
N LYS D 117 25.42 0.85 16.73
CA LYS D 117 25.29 1.27 15.35
C LYS D 117 24.55 2.62 15.29
N ALA D 118 24.53 3.24 14.13
CA ALA D 118 23.87 4.54 13.91
C ALA D 118 22.40 4.36 13.59
N GLY D 119 21.54 5.27 14.00
CA GLY D 119 20.10 5.12 13.78
C GLY D 119 19.43 6.42 14.14
N LYS D 120 18.13 6.53 13.90
CA LYS D 120 17.35 7.71 14.33
C LYS D 120 16.30 7.29 15.33
N PRO D 121 16.70 7.28 16.62
CA PRO D 121 15.72 7.02 17.66
C PRO D 121 14.97 8.30 18.03
N ARG D 122 13.68 8.18 18.30
CA ARG D 122 12.92 9.28 18.85
C ARG D 122 12.03 8.83 20.03
N LEU D 123 11.82 9.74 20.97
CA LEU D 123 10.92 9.47 22.06
C LEU D 123 10.20 10.76 22.37
N GLU D 124 8.89 10.77 22.11
CA GLU D 124 8.12 12.03 22.19
C GLU D 124 6.71 11.70 22.61
N VAL D 125 6.14 12.61 23.40
CA VAL D 125 4.75 12.60 23.80
C VAL D 125 3.91 13.21 22.70
N HIS D 126 2.87 12.49 22.30
CA HIS D 126 1.96 13.01 21.32
C HIS D 126 0.59 13.02 21.93
N GLN D 127 0.27 14.12 22.62
CA GLN D 127 -1.00 14.25 23.33
C GLN D 127 -1.06 13.19 24.44
N ASP D 128 -1.80 12.11 24.24
CA ASP D 128 -2.02 11.12 25.30
C ASP D 128 -1.05 9.94 25.26
N THR D 129 -0.21 9.88 24.23
CA THR D 129 0.65 8.72 24.01
C THR D 129 2.12 9.08 24.03
N LEU D 130 2.92 8.26 24.71
CA LEU D 130 4.38 8.32 24.63
C LEU D 130 4.84 7.41 23.50
N VAL D 131 5.49 7.99 22.49
CA VAL D 131 5.79 7.24 21.26
C VAL D 131 7.27 7.08 21.10
N GLY D 132 7.71 5.84 20.99
CA GLY D 132 9.11 5.57 20.72
C GLY D 132 9.24 5.10 19.29
N SER D 133 10.17 5.68 18.55
CA SER D 133 10.45 5.19 17.22
C SER D 133 11.96 4.97 16.96
N LEU D 134 12.26 3.99 16.11
CA LEU D 134 13.61 3.84 15.55
C LEU D 134 13.55 3.63 14.05
N ASP D 135 14.22 4.53 13.33
CA ASP D 135 14.45 4.45 11.89
C ASP D 135 15.91 4.16 11.63
N PHE D 136 16.15 3.28 10.67
CA PHE D 136 17.48 2.98 10.16
C PHE D 136 17.51 3.41 8.70
N GLY D 137 18.11 4.55 8.43
CA GLY D 137 17.98 5.19 7.11
C GLY D 137 16.51 5.47 6.83
N PRO D 138 16.05 5.22 5.59
CA PRO D 138 14.60 5.48 5.38
C PRO D 138 13.60 4.42 5.95
N VAL D 139 14.08 3.42 6.68
CA VAL D 139 13.23 2.29 7.08
C VAL D 139 12.90 2.36 8.59
N ARG D 140 11.62 2.26 8.93
CA ARG D 140 11.18 2.17 10.32
C ARG D 140 11.34 0.73 10.80
N ILE D 141 12.19 0.53 11.79
CA ILE D 141 12.46 -0.82 12.30
C ILE D 141 11.86 -1.12 13.70
N ALA D 142 11.38 -0.08 14.39
CA ALA D 142 10.78 -0.19 15.73
C ALA D 142 9.84 0.96 16.07
N THR D 143 8.63 0.60 16.50
CA THR D 143 7.62 1.56 17.00
C THR D 143 7.04 1.03 18.31
N GLY D 144 7.12 1.87 19.32
CA GLY D 144 6.65 1.47 20.64
C GLY D 144 5.69 2.52 21.15
N THR D 145 4.65 2.09 21.85
CA THR D 145 3.76 3.08 22.49
C THR D 145 3.48 2.70 23.91
N MET D 146 3.22 3.74 24.72
CA MET D 146 2.68 3.62 26.08
C MET D 146 1.61 4.67 26.35
N GLY D 147 0.71 4.33 27.28
CA GLY D 147 -0.10 5.34 27.94
C GLY D 147 0.77 6.30 28.74
N TYR D 148 0.21 7.44 29.12
CA TYR D 148 1.01 8.42 29.82
C TYR D 148 0.79 8.47 31.35
N LYS D 149 1.80 7.98 32.08
CA LYS D 149 1.87 8.01 33.53
C LYS D 149 0.60 7.56 34.27
N TYR D 150 0.09 6.39 33.89
CA TYR D 150 -1.09 5.79 34.50
C TYR D 150 -0.94 5.47 35.98
N GLU D 151 0.16 4.79 36.31
CA GLU D 151 0.41 4.29 37.65
C GLU D 151 1.83 4.64 38.05
N ALA D 152 2.00 5.32 39.19
CA ALA D 152 3.33 5.53 39.76
C ALA D 152 3.92 4.17 40.12
N LEU D 153 5.22 4.02 39.86
CA LEU D 153 5.91 2.75 40.03
C LEU D 153 6.59 2.74 41.39
N ASP D 154 6.70 1.54 41.99
CA ASP D 154 7.53 1.35 43.20
C ASP D 154 8.98 1.73 42.88
N ARG D 155 9.38 2.93 43.33
CA ARG D 155 10.70 3.50 43.05
C ARG D 155 11.85 2.69 43.62
N SER D 156 11.71 2.32 44.90
CA SER D 156 12.66 1.45 45.58
C SER D 156 12.87 0.12 44.83
N ALA D 157 11.77 -0.46 44.34
CA ALA D 157 11.83 -1.65 43.48
C ALA D 157 12.54 -1.41 42.14
N LEU D 158 12.42 -0.19 41.57
CA LEU D 158 13.14 0.15 40.32
C LEU D 158 14.67 0.13 40.46
N LEU D 159 15.22 0.93 41.38
CA LEU D 159 16.65 0.91 41.69
C LEU D 159 17.14 -0.52 41.95
N ALA D 160 16.20 -1.43 42.19
CA ALA D 160 16.53 -2.86 42.26
C ALA D 160 17.24 -3.39 40.99
N SER D 161 16.82 -2.90 39.82
CA SER D 161 17.48 -3.23 38.54
C SER D 161 18.61 -2.24 38.19
N LEU D 162 18.49 -0.99 38.61
CA LEU D 162 19.48 0.01 38.24
C LEU D 162 20.81 -0.14 38.97
N ALA D 163 20.87 -1.10 39.90
CA ALA D 163 22.11 -1.41 40.62
C ALA D 163 22.76 -2.72 40.16
N GLU D 164 21.99 -3.57 39.48
CA GLU D 164 22.55 -4.85 39.02
C GLU D 164 23.51 -4.71 37.82
N PRO D 165 24.36 -5.72 37.61
CA PRO D 165 25.43 -5.63 36.60
C PRO D 165 24.94 -5.73 35.16
N ASN D 166 25.61 -5.00 34.27
CA ASN D 166 25.29 -5.05 32.84
C ASN D 166 26.45 -5.65 32.09
N PHE D 167 26.19 -6.71 31.34
CA PHE D 167 27.27 -7.38 30.63
C PHE D 167 27.30 -7.03 29.13
N LEU D 168 28.52 -6.92 28.59
CA LEU D 168 28.73 -6.61 27.17
C LEU D 168 29.88 -7.44 26.64
N LEU D 169 29.74 -7.97 25.42
CA LEU D 169 30.84 -8.59 24.70
C LEU D 169 31.65 -7.53 23.91
N LYS D 170 32.74 -7.05 24.50
CA LYS D 170 33.67 -6.14 23.80
C LYS D 170 34.58 -6.88 22.82
N ILE D 171 34.46 -6.50 21.54
CA ILE D 171 35.27 -7.06 20.45
C ILE D 171 35.88 -5.93 19.61
N ILE D 172 37.20 -5.92 19.47
CA ILE D 172 37.91 -5.00 18.58
C ILE D 172 38.88 -5.80 17.70
N PRO D 173 38.80 -5.62 16.36
CA PRO D 173 39.76 -6.34 15.51
C PRO D 173 41.20 -5.85 15.69
N HIS D 174 42.14 -6.76 15.42
CA HIS D 174 43.52 -6.36 15.24
C HIS D 174 43.55 -5.89 13.80
N VAL D 175 44.65 -5.26 13.41
CA VAL D 175 44.82 -4.74 12.05
C VAL D 175 44.62 -5.79 10.95
N ASP D 176 44.88 -7.05 11.29
CA ASP D 176 44.75 -8.16 10.36
C ASP D 176 43.37 -8.81 10.37
N GLY D 177 42.43 -8.27 11.15
CA GLY D 177 41.07 -8.80 11.17
C GLY D 177 40.73 -9.81 12.27
N SER D 178 41.74 -10.53 12.76
CA SER D 178 41.54 -11.43 13.90
C SER D 178 41.37 -10.59 15.19
N PRO D 179 40.61 -11.11 16.18
CA PRO D 179 40.32 -10.30 17.36
C PRO D 179 41.52 -9.95 18.26
N ARG D 180 41.63 -8.66 18.61
CA ARG D 180 42.68 -8.16 19.47
C ARG D 180 42.10 -7.94 20.86
N ILE D 181 40.85 -7.49 20.91
CA ILE D 181 40.12 -7.42 22.16
C ILE D 181 38.92 -8.33 21.98
N CYS D 182 38.70 -9.23 22.94
CA CYS D 182 37.51 -10.08 22.93
C CYS D 182 37.24 -10.55 24.35
N GLU D 183 36.42 -9.78 25.06
CA GLU D 183 36.16 -9.99 26.47
C GLU D 183 34.71 -9.65 26.84
N LEU D 184 34.23 -10.24 27.93
CA LEU D 184 32.99 -9.83 28.60
C LEU D 184 33.28 -8.76 29.62
N VAL D 185 32.46 -7.72 29.60
CA VAL D 185 32.69 -6.52 30.38
C VAL D 185 31.50 -6.37 31.29
N ARG D 186 31.76 -6.00 32.54
CA ARG D 186 30.69 -5.70 33.47
C ARG D 186 30.74 -4.22 33.83
N TYR D 187 29.65 -3.50 33.57
CA TYR D 187 29.57 -2.10 33.99
C TYR D 187 28.31 -1.87 34.84
N HIS D 188 28.34 -0.76 35.58
CA HIS D 188 27.28 -0.33 36.43
C HIS D 188 26.91 1.13 36.18
N THR D 189 25.63 1.43 36.41
CA THR D 189 25.14 2.80 36.42
C THR D 189 25.05 3.13 37.90
N THR D 190 25.78 4.13 38.33
CA THR D 190 25.80 4.49 39.76
C THR D 190 25.32 5.92 39.96
N ASP D 191 25.06 6.30 41.21
CA ASP D 191 24.69 7.69 41.51
C ASP D 191 23.27 7.98 41.04
N VAL D 192 22.49 6.92 40.88
CA VAL D 192 21.17 6.96 40.29
C VAL D 192 20.12 7.65 41.15
N ALA D 193 19.69 8.84 40.72
CA ALA D 193 18.58 9.55 41.35
C ALA D 193 17.32 9.53 40.44
N ILE D 194 16.30 8.77 40.84
CA ILE D 194 15.05 8.70 40.08
C ILE D 194 14.16 9.92 40.33
N LYS D 195 13.71 10.55 39.25
CA LYS D 195 12.83 11.72 39.36
C LYS D 195 11.37 11.36 39.25
N GLY D 196 11.08 10.33 38.47
CA GLY D 196 9.73 9.76 38.37
C GLY D 196 9.75 8.40 37.70
N ALA D 197 8.77 7.57 38.00
CA ALA D 197 8.69 6.28 37.35
C ALA D 197 7.22 5.89 37.30
N TRP D 198 6.83 5.27 36.19
CA TRP D 198 5.43 5.02 35.89
C TRP D 198 5.29 3.81 35.04
N SER D 199 4.13 3.20 35.11
CA SER D 199 3.73 2.13 34.21
C SER D 199 2.44 2.56 33.54
N ALA D 200 2.13 1.92 32.42
CA ALA D 200 0.93 2.16 31.63
C ALA D 200 0.83 1.03 30.65
N PRO D 201 -0.31 0.89 29.92
CA PRO D 201 -0.32 -0.14 28.87
C PRO D 201 0.71 0.20 27.79
N GLY D 202 1.09 -0.81 27.01
CA GLY D 202 2.17 -0.66 26.05
C GLY D 202 2.00 -1.48 24.77
N SER D 203 2.67 -1.03 23.71
CA SER D 203 2.71 -1.81 22.48
C SER D 203 4.09 -1.78 21.85
N LEU D 204 4.32 -2.71 20.92
CA LEU D 204 5.57 -2.75 20.18
C LEU D 204 5.42 -3.45 18.85
N GLU D 205 5.96 -2.84 17.81
CA GLU D 205 6.08 -3.53 16.55
C GLU D 205 7.49 -3.33 16.05
N LEU D 206 8.05 -4.40 15.51
CA LEU D 206 9.41 -4.39 14.94
C LEU D 206 9.36 -4.83 13.47
N HIS D 207 10.24 -4.27 12.65
CA HIS D 207 10.28 -4.60 11.22
C HIS D 207 11.68 -5.14 10.84
N PRO D 208 11.76 -6.05 9.85
CA PRO D 208 13.05 -6.62 9.45
C PRO D 208 13.99 -5.56 8.86
N HIS D 209 15.29 -5.78 9.05
CA HIS D 209 16.29 -4.99 8.36
C HIS D 209 17.58 -5.79 8.35
N ALA D 210 18.19 -5.90 7.16
CA ALA D 210 19.42 -6.67 6.98
C ALA D 210 20.54 -6.26 7.93
N LEU D 211 20.61 -4.98 8.28
CA LEU D 211 21.73 -4.46 9.06
C LEU D 211 21.36 -4.03 10.49
N ALA D 212 20.08 -4.16 10.82
CA ALA D 212 19.55 -3.80 12.14
C ALA D 212 18.54 -4.85 12.58
N PRO D 213 19.00 -6.10 12.74
CA PRO D 213 18.06 -7.19 12.89
C PRO D 213 17.37 -7.31 14.26
N VAL D 214 16.81 -6.22 14.77
CA VAL D 214 16.04 -6.28 16.02
C VAL D 214 14.88 -7.26 15.93
N ALA D 215 14.30 -7.40 14.74
CA ALA D 215 13.11 -8.22 14.55
C ALA D 215 13.37 -9.70 14.71
N ALA D 216 14.65 -10.07 14.64
CA ALA D 216 15.19 -11.42 14.88
C ALA D 216 14.77 -12.07 16.22
N LEU D 217 14.56 -11.22 17.24
CA LEU D 217 13.90 -11.65 18.48
C LEU D 217 12.45 -11.20 18.38
N PRO D 218 11.55 -12.11 17.98
CA PRO D 218 10.21 -11.66 17.59
C PRO D 218 9.31 -11.37 18.78
N VAL D 219 8.40 -10.42 18.59
CA VAL D 219 7.53 -9.93 19.65
C VAL D 219 6.31 -10.85 19.74
N LEU D 220 6.37 -11.79 20.68
CA LEU D 220 5.30 -12.78 20.79
C LEU D 220 4.15 -12.27 21.65
N GLU D 221 4.48 -11.63 22.78
CA GLU D 221 3.49 -10.83 23.51
C GLU D 221 4.15 -9.77 24.36
N VAL D 222 3.52 -8.61 24.43
CA VAL D 222 4.04 -7.56 25.30
C VAL D 222 3.67 -7.88 26.75
N LEU D 223 4.62 -7.74 27.66
CA LEU D 223 4.41 -8.12 29.05
C LEU D 223 4.22 -6.92 29.97
N SER D 224 5.01 -5.87 29.77
CA SER D 224 4.89 -4.67 30.58
C SER D 224 5.45 -3.48 29.85
N ALA D 225 5.20 -2.28 30.38
CA ALA D 225 5.86 -1.08 29.87
C ALA D 225 6.18 -0.15 31.04
N ARG D 226 7.33 0.49 30.98
CA ARG D 226 7.68 1.44 32.02
C ARG D 226 8.38 2.62 31.43
N HIS D 227 8.15 3.73 32.09
CA HIS D 227 8.59 5.03 31.67
C HIS D 227 9.23 5.57 32.93
N PHE D 228 10.44 6.10 32.84
CA PHE D 228 11.05 6.76 34.00
C PHE D 228 12.13 7.75 33.61
N VAL D 229 12.38 8.72 34.48
CA VAL D 229 13.40 9.74 34.28
C VAL D 229 14.38 9.73 35.48
N CYS D 230 15.66 10.00 35.23
CA CYS D 230 16.66 9.95 36.28
C CYS D 230 17.99 10.65 35.98
N ASP D 231 18.74 10.96 37.03
CA ASP D 231 20.16 11.30 36.91
C ASP D 231 20.95 10.03 37.16
N LEU D 232 22.17 9.97 36.66
CA LEU D 232 22.90 8.73 36.62
C LEU D 232 24.32 8.94 36.09
N THR D 233 25.26 8.15 36.61
CA THR D 233 26.62 8.12 36.14
C THR D 233 26.86 6.74 35.55
N LEU D 234 27.40 6.74 34.34
CA LEU D 234 27.84 5.53 33.68
C LEU D 234 29.29 5.34 34.07
N ASP D 235 29.50 4.43 35.03
CA ASP D 235 30.84 4.10 35.54
C ASP D 235 31.58 3.30 34.51
N LEU D 236 32.90 3.45 34.50
CA LEU D 236 33.76 2.60 33.65
C LEU D 236 33.61 1.14 34.06
N GLY D 237 33.69 0.25 33.07
CA GLY D 237 33.41 -1.16 33.25
C GLY D 237 34.64 -1.98 33.61
N THR D 238 34.42 -3.26 33.86
CA THR D 238 35.52 -4.16 34.23
C THR D 238 35.49 -5.42 33.40
N VAL D 239 36.66 -5.96 33.09
CA VAL D 239 36.71 -7.26 32.44
C VAL D 239 36.35 -8.33 33.47
N VAL D 240 35.42 -9.23 33.10
CA VAL D 240 35.03 -10.33 33.99
C VAL D 240 35.19 -11.69 33.32
N PHE D 241 35.46 -11.66 32.01
CA PHE D 241 35.89 -12.82 31.24
C PHE D 241 36.67 -12.37 29.99
N ASP D 242 37.88 -12.89 29.81
CA ASP D 242 38.66 -12.58 28.62
C ASP D 242 38.83 -13.80 27.75
N TYR D 243 38.12 -13.81 26.62
CA TYR D 243 38.16 -14.92 25.66
C TYR D 243 39.55 -15.18 25.05
N LEU D 244 40.48 -14.25 25.20
CA LEU D 244 41.82 -14.40 24.59
C LEU D 244 42.97 -14.55 25.62
N ARG D 245 42.61 -15.02 26.82
CA ARG D 245 43.50 -15.02 28.00
C ARG D 245 44.92 -15.54 27.75
C1 PNH E . 9.30 -5.10 -20.44
C3 PNH E . 9.39 -6.68 -18.29
C4 PNH E . 10.85 -6.52 -17.98
O6 PNH E . 11.49 -5.59 -18.46
C5 PNH E . 11.49 -7.55 -17.06
C2 PNH E . 8.71 -5.63 -19.15
C1 PNH F . -12.00 2.38 -20.68
C3 PNH F . -11.95 3.98 -22.82
C4 PNH F . -13.22 4.72 -22.40
O6 PNH F . -13.39 5.02 -21.22
C5 PNH F . -14.20 5.08 -23.48
C2 PNH F . -11.28 3.08 -21.81
C1 PNH G . -22.47 9.59 16.53
C3 PNH G . -20.83 7.90 15.26
C4 PNH G . -21.87 7.04 14.56
O6 PNH G . -22.69 7.52 13.78
C5 PNH G . -21.87 5.55 14.79
C2 PNH G . -21.30 8.64 16.52
C1 PNH H . 27.60 5.77 25.74
C3 PNH H . 25.11 5.01 25.32
C4 PNH H . 24.78 4.59 26.74
O6 PNH H . 24.47 5.42 27.57
C5 PNH H . 24.81 3.13 27.08
C2 PNH H . 26.58 4.97 24.96
#